data_7WU5
#
_entry.id   7WU5
#
_cell.length_a   1.00
_cell.length_b   1.00
_cell.length_c   1.00
_cell.angle_alpha   90.00
_cell.angle_beta   90.00
_cell.angle_gamma   90.00
#
_symmetry.space_group_name_H-M   'P 1'
#
loop_
_entity.id
_entity.type
_entity.pdbx_description
1 polymer 'Guanine nucleotide-binding protein G(i) subunit alpha-1'
2 polymer 'Guanine nucleotide-binding protein G(I)/G(S)/G(T) subunit beta-1'
3 polymer 'Guanine nucleotide-binding protein G(I)/G(S)/G(O) subunit gamma-2'
4 polymer 'Adhesion G-protein coupled receptor F1'
5 non-polymer CHOLESTEROL
6 non-polymer '[(2~{R})-2-oxidanyl-3-[oxidanyl-[2-(trimethyl-$l^{4}-azanyl)ethoxy]phosphoryl]oxy-propyl] hexadecanoate'
#
loop_
_entity_poly.entity_id
_entity_poly.type
_entity_poly.pdbx_seq_one_letter_code
_entity_poly.pdbx_strand_id
1 'polypeptide(L)'
;MGHHHHHHENLYFQGTLSAEDKAAVERSKMIDRNLREDGEKAAREVKLLLLGADNSGKSTIVKQMKIIHGGGGGGGGTTG
IVETHFTFKDLHFKMFDVGGQRSERKKWIHCFEDVAAIIFCVDLSDYNRMHESMKLFDSICNNKWFTDTSIILFLNKKDL
FEEKIKKSPLTICYQEYAGSNTYEEAAAYIQCQFEDLNKRKDTKEIYTHFTCATDTKNAQFIFDAVTDVIIKNNLKDCGL
F
;
A
2 'polypeptide(L)'
;MHHHHHHGSLLQSELDQLRQEAEQLKNQIRDARKACADATLSQITNNIDPVGRIQMRTRRTLRGHLAKIYAMHWGTDSRL
LVSASQDGKLIIWDSYTTNKVHAIPLRSSWVMTCAYAPSGNYVACGGLDNICSIYNLKTREGNVRVSRELAGHTGYLSCC
RFLDDNQIVTSSGDTTCALWDIETGQQTTTFTGHTGDVMSLSLAPDTRLFVSGACDASAKLWDVREGMCRQTFTGHESDI
NAICFFPNGNAFATGSDDATCRLFDLRADQELMTYSHDNIICGITSVSFSKSGRLLLAGYDDFNCNVWDALKADRAGVLA
GHDNRVSCLGVTDDGMAVATGSWDSFLKIWN
;
B
3 'polypeptide(L)' MASNNTASIAQARKLVEQLKMEANIDRIKVSKAAADLMAYCEAHAKEDPLLTPVPASENPFREKKFFCAIL C
4 'polypeptide(L)'
;MKTIIALSYIFCLVFADYKDDDDGAPVFGKAQCNDIVFGFGSKDDEYTLPCSSGYRGNITAKCESSGWQVIRETCVLSLL
EELNKNFSMIVGNATEAAVSSFVQNLSVIIRQNPSTTVGNLASVVSILSNISSLSLASHFRVSNSTMEDVISIADNILNS
ASVTNWTVLLREEKYASSRLLETLENISTLVPPTALPLNFSRKFIDWKGIPVNKSQLKRGYSYQIKMCPQNTSIPIRGRV
LIGSDQFQRSLPETIISMASLTLGNILPVSKNGNAQVNGPVISTVIQNYSINEVFLFFSKIESNLSQPHCVFWDFSHLQW
NDAGCHLVNETQDIVTCQCTALASFSILMSPFVPSTIFPVVKWITYVGLGISIGSLILCLIIEALFWKQIKKSQTSHTRR
ICMVNIALSLLIADVWFIVGATVDTTVNPSGVCTAAVFFTHFFYLSLFFWMLMLGILLAYRIILVFHHMAQHLMMAVGFC
LGYGCPLIISVITIAVTQPSNTYKRKDVCWLNWSNGSKPLLAFVVPALAIVAVNFVVVLLVLTKLWRPTVGERLSRDDKA
TIIRVGKSLLILTPLLGLTWGFGIGTIVDSQNLAWHVIFALLNAFQGFFILCFGILLDSKLRQLLFNKLSALSSWKEFLE
VLFQGPWSHPQFEKGGGSGGGSGGSAWSHPQFEK
;
R
#
loop_
_chem_comp.id
_chem_comp.type
_chem_comp.name
_chem_comp.formula
CLR non-polymer CHOLESTEROL 'C27 H46 O'
K6G non-polymer '[(2~{R})-2-oxidanyl-3-[oxidanyl-[2-(trimethyl-$l^{4}-azanyl)ethoxy]phosphoryl]oxy-propyl] hexadecanoate' 'C24 H51 N O7 P'
#
# COMPACT_ATOMS: atom_id res chain seq x y z
N LYS A 22 -35.84 2.83 3.01
CA LYS A 22 -35.32 3.96 3.77
C LYS A 22 -34.64 4.97 2.85
N ALA A 23 -34.94 6.25 3.07
CA ALA A 23 -34.32 7.29 2.25
C ALA A 23 -32.82 7.38 2.49
N ALA A 24 -32.38 7.20 3.73
CA ALA A 24 -30.96 7.26 4.05
C ALA A 24 -30.18 6.15 3.35
N VAL A 25 -30.74 4.94 3.32
CA VAL A 25 -30.07 3.83 2.64
C VAL A 25 -29.96 4.09 1.15
N GLU A 26 -31.03 4.62 0.55
CA GLU A 26 -30.98 4.94 -0.88
C GLU A 26 -29.96 6.03 -1.17
N ARG A 27 -29.79 6.99 -0.24
CA ARG A 27 -28.77 8.01 -0.43
C ARG A 27 -27.37 7.41 -0.45
N SER A 28 -27.12 6.44 0.43
CA SER A 28 -25.82 5.78 0.45
C SER A 28 -25.56 5.01 -0.84
N LYS A 29 -26.59 4.37 -1.38
CA LYS A 29 -26.43 3.64 -2.64
C LYS A 29 -26.07 4.57 -3.78
N MET A 30 -26.69 5.75 -3.82
CA MET A 30 -26.35 6.73 -4.85
C MET A 30 -24.90 7.18 -4.70
N ILE A 31 -24.45 7.41 -3.47
CA ILE A 31 -23.06 7.81 -3.22
C ILE A 31 -22.10 6.72 -3.67
N ASP A 32 -22.44 5.46 -3.41
CA ASP A 32 -21.57 4.35 -3.80
C ASP A 32 -21.37 4.30 -5.31
N ARG A 33 -22.42 4.58 -6.08
CA ARG A 33 -22.28 4.59 -7.53
C ARG A 33 -21.31 5.66 -7.98
N ASN A 34 -21.38 6.84 -7.36
CA ASN A 34 -20.47 7.91 -7.73
C ASN A 34 -19.03 7.59 -7.34
N LEU A 35 -18.83 6.93 -6.20
CA LEU A 35 -17.48 6.56 -5.78
C LEU A 35 -16.86 5.57 -6.75
N ARG A 36 -17.63 4.56 -7.18
CA ARG A 36 -17.09 3.59 -8.13
C ARG A 36 -16.94 4.18 -9.51
N GLU A 37 -17.85 5.10 -9.90
CA GLU A 37 -17.74 5.73 -11.21
C GLU A 37 -16.47 6.55 -11.33
N ASP A 38 -16.13 7.30 -10.28
CA ASP A 38 -14.89 8.07 -10.30
C ASP A 38 -13.67 7.18 -10.07
N GLY A 39 -13.84 6.06 -9.37
CA GLY A 39 -12.72 5.17 -9.13
C GLY A 39 -12.19 4.53 -10.41
N GLU A 40 -13.09 4.05 -11.27
CA GLU A 40 -12.66 3.49 -12.55
C GLU A 40 -12.12 4.56 -13.47
N LYS A 41 -12.66 5.78 -13.39
CA LYS A 41 -12.11 6.89 -14.17
C LYS A 41 -10.69 7.21 -13.72
N ALA A 42 -10.45 7.21 -12.41
CA ALA A 42 -9.13 7.48 -11.87
C ALA A 42 -8.20 6.27 -11.97
N ALA A 43 -8.73 5.08 -12.24
CA ALA A 43 -7.90 3.89 -12.38
C ALA A 43 -7.09 3.89 -13.67
N ARG A 44 -7.51 4.66 -14.68
CA ARG A 44 -6.78 4.75 -15.94
C ARG A 44 -5.77 5.88 -15.95
N GLU A 45 -5.65 6.64 -14.86
CA GLU A 45 -4.71 7.74 -14.80
C GLU A 45 -3.31 7.22 -14.58
N VAL A 46 -2.36 7.71 -15.36
CA VAL A 46 -0.98 7.24 -15.22
C VAL A 46 -0.39 7.68 -13.89
N LYS A 47 -0.63 8.94 -13.50
CA LYS A 47 -0.20 9.47 -12.20
C LYS A 47 1.32 9.41 -12.03
N LEU A 48 2.01 10.16 -12.89
CA LEU A 48 3.46 10.27 -12.84
C LEU A 48 3.89 11.31 -11.80
N LEU A 49 5.17 11.24 -11.43
CA LEU A 49 5.77 12.17 -10.48
C LEU A 49 6.95 12.84 -11.16
N LEU A 50 7.03 14.15 -11.06
CA LEU A 50 8.06 14.94 -11.72
C LEU A 50 8.98 15.55 -10.67
N LEU A 51 10.28 15.41 -10.87
CA LEU A 51 11.28 15.97 -9.98
C LEU A 51 12.39 16.61 -10.81
N GLY A 52 13.37 17.19 -10.13
CA GLY A 52 14.48 17.83 -10.79
C GLY A 52 14.96 19.07 -10.07
N ALA A 53 15.99 19.71 -10.59
CA ALA A 53 16.53 20.91 -9.98
C ALA A 53 15.74 22.13 -10.43
N ASP A 54 16.05 23.27 -9.83
CA ASP A 54 15.37 24.51 -10.18
C ASP A 54 15.80 24.95 -11.57
N ASN A 55 14.82 25.28 -12.41
CA ASN A 55 15.08 25.69 -13.79
C ASN A 55 15.93 24.64 -14.53
N SER A 56 15.61 23.38 -14.30
CA SER A 56 16.34 22.26 -14.89
C SER A 56 15.61 21.66 -16.09
N GLY A 57 14.91 22.50 -16.86
CA GLY A 57 14.18 22.01 -18.02
C GLY A 57 12.86 21.36 -17.73
N LYS A 58 12.36 21.41 -16.48
CA LYS A 58 11.08 20.79 -16.17
C LYS A 58 9.95 21.47 -16.93
N SER A 59 10.08 22.76 -17.23
CA SER A 59 9.03 23.49 -17.94
C SER A 59 8.83 22.92 -19.34
N THR A 60 9.91 22.59 -20.04
CA THR A 60 9.78 22.02 -21.37
C THR A 60 9.11 20.66 -21.33
N ILE A 61 9.43 19.84 -20.33
CA ILE A 61 8.86 18.50 -20.22
C ILE A 61 7.43 18.51 -19.74
N VAL A 62 6.91 19.66 -19.30
CA VAL A 62 5.55 19.74 -18.81
C VAL A 62 4.65 20.58 -19.73
N LYS A 63 5.21 21.51 -20.50
CA LYS A 63 4.42 22.43 -21.30
C LYS A 63 4.40 22.07 -22.79
N GLN A 64 4.84 20.86 -23.14
CA GLN A 64 4.85 20.48 -24.56
C GLN A 64 3.44 20.16 -25.05
N MET A 65 2.55 19.75 -24.15
CA MET A 65 1.18 19.39 -24.48
C MET A 65 1.11 18.33 -25.58
N THR A 79 2.36 28.96 -3.64
CA THR A 79 1.77 27.71 -4.08
C THR A 79 2.66 26.52 -3.73
N GLY A 80 2.07 25.32 -3.73
CA GLY A 80 2.82 24.11 -3.43
C GLY A 80 3.15 23.31 -4.66
N ILE A 81 2.57 22.14 -4.77
CA ILE A 81 2.79 21.28 -5.93
C ILE A 81 1.74 21.62 -6.97
N VAL A 82 2.08 21.47 -8.24
CA VAL A 82 1.17 21.78 -9.33
C VAL A 82 0.89 20.51 -10.11
N GLU A 83 -0.37 20.29 -10.46
CA GLU A 83 -0.80 19.12 -11.20
C GLU A 83 -1.05 19.52 -12.65
N THR A 84 -0.39 18.83 -13.57
CA THR A 84 -0.54 19.08 -14.99
C THR A 84 -1.01 17.82 -15.69
N HIS A 85 -1.96 17.96 -16.60
CA HIS A 85 -2.59 16.85 -17.27
C HIS A 85 -2.43 16.98 -18.77
N PHE A 86 -1.97 15.90 -19.41
CA PHE A 86 -1.94 15.84 -20.86
C PHE A 86 -2.33 14.44 -21.29
N THR A 87 -3.01 14.36 -22.42
CA THR A 87 -3.53 13.10 -22.96
C THR A 87 -2.70 12.70 -24.17
N PHE A 88 -2.22 11.46 -24.18
CA PHE A 88 -1.41 10.95 -25.28
C PHE A 88 -1.88 9.54 -25.62
N LYS A 89 -2.31 9.34 -26.86
CA LYS A 89 -2.77 8.04 -27.36
C LYS A 89 -3.88 7.47 -26.47
N ASP A 90 -4.90 8.29 -26.23
CA ASP A 90 -6.07 7.92 -25.42
C ASP A 90 -5.66 7.47 -24.02
N LEU A 91 -4.64 8.13 -23.47
CA LEU A 91 -4.17 7.87 -22.12
C LEU A 91 -3.97 9.20 -21.42
N HIS A 92 -4.54 9.34 -20.22
CA HIS A 92 -4.46 10.58 -19.45
C HIS A 92 -3.32 10.47 -18.45
N PHE A 93 -2.45 11.47 -18.43
CA PHE A 93 -1.29 11.47 -17.57
C PHE A 93 -1.40 12.60 -16.56
N LYS A 94 -1.00 12.32 -15.32
CA LYS A 94 -0.93 13.30 -14.25
C LYS A 94 0.53 13.46 -13.84
N MET A 95 1.00 14.70 -13.79
CA MET A 95 2.37 15.00 -13.41
C MET A 95 2.35 15.96 -12.24
N PHE A 96 3.10 15.64 -11.19
CA PHE A 96 3.13 16.44 -9.97
C PHE A 96 4.52 17.05 -9.83
N ASP A 97 4.60 18.36 -9.95
CA ASP A 97 5.87 19.08 -9.87
C ASP A 97 6.21 19.34 -8.41
N VAL A 98 6.75 18.32 -7.77
CA VAL A 98 7.20 18.42 -6.39
C VAL A 98 8.52 19.19 -6.37
N GLY A 99 8.64 20.12 -5.42
CA GLY A 99 9.83 20.93 -5.32
C GLY A 99 9.51 22.34 -4.86
N GLY A 100 8.25 22.72 -5.00
CA GLY A 100 7.79 24.00 -4.49
C GLY A 100 7.38 23.99 -3.04
N GLN A 101 7.42 22.82 -2.40
CA GLN A 101 7.03 22.73 -1.00
C GLN A 101 8.07 23.36 -0.08
N ARG A 102 9.35 23.10 -0.33
CA ARG A 102 10.45 23.65 0.48
C ARG A 102 10.28 23.31 1.96
N SER A 103 9.84 22.09 2.25
CA SER A 103 9.68 21.64 3.63
C SER A 103 10.32 20.27 3.80
N GLU A 104 10.11 19.63 4.94
CA GLU A 104 10.66 18.30 5.17
C GLU A 104 9.98 17.31 4.25
N ARG A 105 10.69 16.88 3.21
CA ARG A 105 10.08 16.03 2.19
C ARG A 105 9.71 14.66 2.74
N LYS A 106 10.50 14.14 3.69
CA LYS A 106 10.24 12.79 4.19
C LYS A 106 8.92 12.70 4.95
N LYS A 107 8.35 13.84 5.37
CA LYS A 107 7.07 13.82 6.06
C LYS A 107 5.87 13.75 5.13
N TRP A 108 6.06 13.98 3.83
CA TRP A 108 4.95 13.93 2.88
C TRP A 108 5.31 13.22 1.58
N ILE A 109 6.47 12.58 1.50
CA ILE A 109 6.82 11.86 0.27
C ILE A 109 6.20 10.47 0.21
N HIS A 110 5.67 9.97 1.32
CA HIS A 110 5.04 8.65 1.31
C HIS A 110 3.69 8.67 0.62
N CYS A 111 3.07 9.84 0.48
CA CYS A 111 1.80 9.91 -0.23
C CYS A 111 1.96 9.84 -1.73
N PHE A 112 3.19 9.96 -2.25
CA PHE A 112 3.44 9.88 -3.68
C PHE A 112 3.84 8.48 -4.11
N GLU A 113 3.38 7.46 -3.39
CA GLU A 113 3.61 6.07 -3.78
C GLU A 113 2.69 5.74 -4.95
N ASP A 114 2.70 4.47 -5.35
CA ASP A 114 1.83 3.91 -6.38
C ASP A 114 1.84 4.74 -7.67
N VAL A 115 2.87 5.55 -7.86
CA VAL A 115 3.01 6.30 -9.10
C VAL A 115 3.54 5.36 -10.15
N ALA A 116 3.19 5.61 -11.42
CA ALA A 116 3.67 4.75 -12.49
C ALA A 116 5.18 4.79 -12.59
N ALA A 117 5.77 5.98 -12.49
CA ALA A 117 7.21 6.14 -12.58
C ALA A 117 7.56 7.53 -12.06
N ILE A 118 8.85 7.84 -12.10
CA ILE A 118 9.37 9.13 -11.65
C ILE A 118 10.05 9.80 -12.84
N ILE A 119 9.66 11.03 -13.13
CA ILE A 119 10.26 11.81 -14.20
C ILE A 119 11.29 12.72 -13.58
N PHE A 120 12.54 12.63 -14.04
CA PHE A 120 13.62 13.46 -13.53
C PHE A 120 14.19 14.29 -14.67
N CYS A 121 14.48 15.54 -14.38
CA CYS A 121 15.03 16.46 -15.36
C CYS A 121 16.39 16.94 -14.90
N VAL A 122 17.38 16.81 -15.78
CA VAL A 122 18.75 17.23 -15.51
C VAL A 122 19.14 18.26 -16.55
N ASP A 123 19.63 19.41 -16.09
CA ASP A 123 20.08 20.48 -16.98
C ASP A 123 21.55 20.27 -17.28
N LEU A 124 21.86 19.79 -18.47
CA LEU A 124 23.24 19.52 -18.85
C LEU A 124 24.04 20.81 -19.03
N SER A 125 23.37 21.90 -19.41
CA SER A 125 24.08 23.16 -19.61
C SER A 125 24.69 23.68 -18.32
N ASP A 126 23.95 23.60 -17.23
CA ASP A 126 24.44 24.07 -15.94
C ASP A 126 25.39 23.05 -15.34
N TYR A 127 26.47 23.53 -14.72
CA TYR A 127 27.46 22.68 -14.09
C TYR A 127 27.43 22.74 -12.57
N ASN A 128 27.21 23.92 -12.00
CA ASN A 128 27.13 24.03 -10.54
C ASN A 128 25.90 23.32 -9.99
N ARG A 129 24.80 23.30 -10.73
CA ARG A 129 23.57 22.65 -10.29
C ARG A 129 23.59 21.14 -10.50
N MET A 130 24.61 20.60 -11.17
CA MET A 130 24.67 19.16 -11.38
C MET A 130 24.99 18.42 -10.09
N HIS A 131 25.81 19.01 -9.22
CA HIS A 131 26.17 18.34 -7.97
C HIS A 131 24.96 18.17 -7.06
N GLU A 132 24.12 19.20 -6.96
CA GLU A 132 22.92 19.06 -6.14
C GLU A 132 21.87 18.19 -6.83
N SER A 133 21.88 18.15 -8.16
CA SER A 133 20.96 17.28 -8.89
C SER A 133 21.27 15.81 -8.61
N MET A 134 22.54 15.45 -8.56
CA MET A 134 22.91 14.07 -8.25
C MET A 134 22.49 13.70 -6.84
N LYS A 135 22.66 14.63 -5.88
CA LYS A 135 22.22 14.37 -4.52
C LYS A 135 20.70 14.21 -4.46
N LEU A 136 19.97 15.05 -5.19
CA LEU A 136 18.51 14.92 -5.24
C LEU A 136 18.10 13.60 -5.88
N PHE A 137 18.79 13.20 -6.95
CA PHE A 137 18.53 11.91 -7.57
C PHE A 137 18.89 10.77 -6.63
N ASP A 138 19.96 10.94 -5.85
CA ASP A 138 20.34 9.92 -4.88
C ASP A 138 19.27 9.74 -3.83
N SER A 139 18.70 10.84 -3.34
CA SER A 139 17.70 10.75 -2.28
C SER A 139 16.43 10.05 -2.75
N ILE A 140 15.95 10.36 -3.95
CA ILE A 140 14.66 9.83 -4.38
C ILE A 140 14.75 8.33 -4.66
N CYS A 141 15.85 7.87 -5.25
CA CYS A 141 15.93 6.48 -5.65
C CYS A 141 16.12 5.54 -4.47
N ASN A 142 16.64 6.05 -3.34
CA ASN A 142 16.94 5.22 -2.19
C ASN A 142 15.89 5.31 -1.10
N ASN A 143 14.76 5.96 -1.37
CA ASN A 143 13.67 5.98 -0.40
C ASN A 143 13.06 4.59 -0.26
N LYS A 144 12.61 4.27 0.96
CA LYS A 144 11.97 2.99 1.19
C LYS A 144 10.65 2.88 0.45
N TRP A 145 10.00 4.01 0.15
CA TRP A 145 8.76 3.98 -0.61
C TRP A 145 9.02 3.69 -2.08
N PHE A 146 10.06 4.29 -2.65
CA PHE A 146 10.36 4.12 -4.08
C PHE A 146 11.37 3.00 -4.32
N THR A 147 11.07 1.81 -3.81
CA THR A 147 11.94 0.66 -4.03
C THR A 147 11.65 -0.07 -5.33
N ASP A 148 10.54 0.24 -6.00
CA ASP A 148 10.19 -0.42 -7.25
C ASP A 148 9.79 0.54 -8.36
N THR A 149 9.59 1.81 -8.07
CA THR A 149 9.19 2.75 -9.11
C THR A 149 10.37 3.06 -10.02
N SER A 150 10.13 3.01 -11.32
CA SER A 150 11.19 3.26 -12.28
C SER A 150 11.43 4.76 -12.42
N ILE A 151 12.51 5.11 -13.09
CA ILE A 151 12.91 6.49 -13.32
C ILE A 151 13.04 6.71 -14.82
N ILE A 152 12.46 7.80 -15.31
CA ILE A 152 12.45 8.13 -16.73
C ILE A 152 13.23 9.43 -16.92
N LEU A 153 14.33 9.58 -16.16
CA LEU A 153 15.11 10.81 -16.16
C LEU A 153 15.39 11.31 -17.57
N PHE A 154 15.31 12.62 -17.74
CA PHE A 154 15.52 13.28 -19.01
C PHE A 154 16.75 14.17 -18.90
N LEU A 155 17.65 14.05 -19.88
CA LEU A 155 18.83 14.90 -19.96
C LEU A 155 18.51 16.06 -20.88
N ASN A 156 18.11 17.18 -20.29
CA ASN A 156 17.62 18.32 -21.05
C ASN A 156 18.76 19.18 -21.57
N LYS A 157 18.40 20.11 -22.45
CA LYS A 157 19.33 21.11 -23.00
C LYS A 157 20.54 20.45 -23.66
N LYS A 158 20.30 19.37 -24.40
CA LYS A 158 21.39 18.74 -25.13
C LYS A 158 21.84 19.59 -26.31
N ASP A 159 20.94 20.43 -26.84
CA ASP A 159 21.33 21.32 -27.94
C ASP A 159 22.30 22.39 -27.46
N LEU A 160 22.02 23.00 -26.31
CA LEU A 160 22.92 24.01 -25.78
C LEU A 160 24.18 23.41 -25.18
N PHE A 161 24.18 22.11 -24.89
CA PHE A 161 25.38 21.48 -24.35
C PHE A 161 26.49 21.35 -25.38
N GLU A 162 26.15 21.36 -26.67
CA GLU A 162 27.16 21.23 -27.71
C GLU A 162 28.09 22.44 -27.73
N GLU A 163 27.52 23.63 -27.77
CA GLU A 163 28.32 24.86 -27.84
C GLU A 163 28.92 25.23 -26.50
N LYS A 164 28.21 24.94 -25.40
CA LYS A 164 28.69 25.38 -24.10
C LYS A 164 29.92 24.59 -23.66
N ILE A 165 30.01 23.32 -24.04
CA ILE A 165 31.14 22.50 -23.62
C ILE A 165 32.44 22.99 -24.24
N LYS A 166 32.36 23.62 -25.42
CA LYS A 166 33.57 24.15 -26.05
C LYS A 166 34.11 25.34 -25.26
N LYS A 167 33.23 26.21 -24.76
CA LYS A 167 33.68 27.36 -23.98
C LYS A 167 34.35 26.91 -22.68
N SER A 168 33.76 25.94 -22.00
CA SER A 168 34.30 25.40 -20.76
C SER A 168 34.28 23.88 -20.84
N PRO A 169 35.44 23.23 -20.98
CA PRO A 169 35.47 21.76 -21.07
C PRO A 169 34.95 21.11 -19.79
N LEU A 170 34.29 19.96 -19.96
CA LEU A 170 33.77 19.23 -18.82
C LEU A 170 34.89 18.72 -17.93
N THR A 171 35.99 18.27 -18.53
CA THR A 171 37.09 17.70 -17.75
C THR A 171 37.71 18.75 -16.82
N ILE A 172 37.89 19.97 -17.32
CA ILE A 172 38.53 21.01 -16.51
C ILE A 172 37.60 21.44 -15.37
N CYS A 173 36.31 21.57 -15.66
CA CYS A 173 35.37 22.09 -14.65
C CYS A 173 35.26 21.15 -13.46
N TYR A 174 35.21 19.85 -13.71
CA TYR A 174 35.01 18.87 -12.65
C TYR A 174 36.33 18.25 -12.22
N GLN A 175 36.45 17.99 -10.90
CA GLN A 175 37.64 17.34 -10.38
C GLN A 175 37.80 15.94 -10.96
N GLU A 176 36.70 15.19 -11.06
CA GLU A 176 36.74 13.88 -11.67
C GLU A 176 36.97 13.99 -13.17
N TYR A 177 37.70 13.03 -13.72
CA TYR A 177 38.00 13.05 -15.14
C TYR A 177 36.73 12.80 -15.96
N ALA A 178 36.60 13.55 -17.06
CA ALA A 178 35.46 13.43 -17.95
C ALA A 178 35.78 12.64 -19.21
N GLY A 179 36.98 12.05 -19.30
CA GLY A 179 37.34 11.30 -20.47
C GLY A 179 37.52 12.19 -21.69
N SER A 180 37.10 11.67 -22.85
CA SER A 180 37.20 12.42 -24.09
C SER A 180 36.25 13.61 -24.08
N ASN A 181 36.69 14.69 -24.72
CA ASN A 181 35.88 15.91 -24.79
C ASN A 181 34.73 15.81 -25.77
N THR A 182 34.67 14.74 -26.57
CA THR A 182 33.60 14.58 -27.55
C THR A 182 32.25 14.37 -26.84
N TYR A 183 31.18 14.80 -27.53
CA TYR A 183 29.84 14.65 -26.98
C TYR A 183 29.44 13.18 -26.87
N GLU A 184 29.94 12.34 -27.77
CA GLU A 184 29.59 10.91 -27.73
C GLU A 184 30.08 10.24 -26.46
N GLU A 185 31.09 10.80 -25.79
CA GLU A 185 31.60 10.25 -24.54
C GLU A 185 31.25 11.10 -23.33
N ALA A 186 31.21 12.44 -23.48
CA ALA A 186 30.85 13.29 -22.35
C ALA A 186 29.39 13.08 -21.94
N ALA A 187 28.49 12.99 -22.92
CA ALA A 187 27.09 12.74 -22.60
C ALA A 187 26.90 11.38 -21.97
N ALA A 188 27.60 10.35 -22.48
CA ALA A 188 27.52 9.03 -21.88
C ALA A 188 28.12 9.00 -20.49
N TYR A 189 29.11 9.86 -20.22
CA TYR A 189 29.70 9.92 -18.89
C TYR A 189 28.69 10.41 -17.86
N ILE A 190 27.85 11.38 -18.24
CA ILE A 190 26.81 11.88 -17.34
C ILE A 190 25.83 10.77 -16.99
N GLN A 191 25.47 9.94 -17.97
CA GLN A 191 24.59 8.81 -17.70
C GLN A 191 25.22 7.84 -16.72
N CYS A 192 26.53 7.60 -16.85
CA CYS A 192 27.21 6.71 -15.92
C CYS A 192 27.16 7.27 -14.50
N GLN A 193 27.36 8.58 -14.35
CA GLN A 193 27.33 9.18 -13.03
C GLN A 193 25.93 9.20 -12.43
N PHE A 194 24.89 9.10 -13.25
CA PHE A 194 23.53 9.12 -12.74
C PHE A 194 22.98 7.72 -12.50
N GLU A 195 23.26 6.78 -13.41
CA GLU A 195 22.73 5.43 -13.26
C GLU A 195 23.41 4.69 -12.11
N ASP A 196 24.68 4.96 -11.85
CA ASP A 196 25.38 4.28 -10.77
C ASP A 196 24.85 4.68 -9.39
N LEU A 197 24.13 5.80 -9.31
CA LEU A 197 23.53 6.20 -8.05
C LEU A 197 22.40 5.27 -7.63
N ASN A 198 21.88 4.48 -8.55
CA ASN A 198 20.79 3.55 -8.27
C ASN A 198 21.36 2.29 -7.63
N LYS A 199 21.13 2.12 -6.33
CA LYS A 199 21.61 0.94 -5.63
C LYS A 199 20.75 -0.28 -5.92
N ARG A 200 19.47 -0.09 -6.23
CA ARG A 200 18.55 -1.19 -6.50
C ARG A 200 18.47 -1.40 -8.01
N LYS A 201 19.51 -2.05 -8.55
CA LYS A 201 19.57 -2.29 -9.99
C LYS A 201 18.49 -3.27 -10.43
N ASP A 202 18.22 -4.30 -9.62
CA ASP A 202 17.30 -5.36 -10.05
C ASP A 202 15.84 -4.89 -10.02
N THR A 203 15.43 -4.17 -8.98
CA THR A 203 14.04 -3.78 -8.84
C THR A 203 13.71 -2.45 -9.51
N LYS A 204 14.70 -1.70 -9.99
CA LYS A 204 14.45 -0.42 -10.63
C LYS A 204 15.06 -0.40 -12.02
N GLU A 205 14.31 0.16 -12.97
CA GLU A 205 14.73 0.24 -14.37
C GLU A 205 14.76 1.71 -14.77
N ILE A 206 15.95 2.28 -14.84
CA ILE A 206 16.10 3.69 -15.18
C ILE A 206 16.07 3.84 -16.69
N TYR A 207 15.19 4.70 -17.19
CA TYR A 207 15.09 5.00 -18.61
C TYR A 207 15.67 6.37 -18.88
N THR A 208 16.55 6.47 -19.87
CA THR A 208 17.24 7.71 -20.18
C THR A 208 16.89 8.18 -21.59
N HIS A 209 16.70 9.48 -21.73
CA HIS A 209 16.38 10.08 -23.01
C HIS A 209 16.97 11.48 -23.06
N PHE A 210 17.19 11.97 -24.27
CA PHE A 210 17.74 13.30 -24.50
C PHE A 210 16.67 14.17 -25.13
N THR A 211 16.43 15.34 -24.55
CA THR A 211 15.38 16.23 -25.02
C THR A 211 15.97 17.28 -25.96
N CYS A 212 15.32 17.45 -27.11
CA CYS A 212 15.72 18.39 -28.14
C CYS A 212 14.63 19.44 -28.33
N ALA A 213 14.79 20.27 -29.36
CA ALA A 213 13.81 21.31 -29.63
C ALA A 213 12.44 20.72 -29.96
N THR A 214 12.41 19.64 -30.73
CA THR A 214 11.15 19.00 -31.06
C THR A 214 10.54 18.36 -29.82
N ASP A 215 9.20 18.33 -29.79
CA ASP A 215 8.46 17.79 -28.66
C ASP A 215 7.53 16.65 -29.05
N THR A 216 7.41 16.33 -30.34
CA THR A 216 6.53 15.24 -30.76
C THR A 216 7.00 13.90 -30.19
N LYS A 217 8.30 13.63 -30.23
CA LYS A 217 8.82 12.38 -29.70
C LYS A 217 9.04 12.41 -28.20
N ASN A 218 9.02 13.60 -27.58
CA ASN A 218 9.25 13.68 -26.14
C ASN A 218 8.13 13.00 -25.36
N ALA A 219 6.88 13.21 -25.77
CA ALA A 219 5.76 12.55 -25.09
C ALA A 219 5.69 11.08 -25.44
N GLN A 220 6.21 10.70 -26.61
CA GLN A 220 6.20 9.29 -27.02
C GLN A 220 7.07 8.45 -26.08
N PHE A 221 8.22 8.98 -25.68
CA PHE A 221 9.11 8.22 -24.80
C PHE A 221 8.47 7.97 -23.45
N ILE A 222 7.76 8.96 -22.90
CA ILE A 222 7.10 8.78 -21.62
C ILE A 222 6.06 7.68 -21.71
N PHE A 223 5.25 7.70 -22.78
CA PHE A 223 4.25 6.65 -22.97
C PHE A 223 4.90 5.29 -23.16
N ASP A 224 5.98 5.23 -23.94
CA ASP A 224 6.68 3.96 -24.14
C ASP A 224 7.30 3.46 -22.84
N ALA A 225 7.90 4.37 -22.07
CA ALA A 225 8.48 3.98 -20.80
C ALA A 225 7.41 3.55 -19.81
N VAL A 226 6.28 4.27 -19.76
CA VAL A 226 5.22 3.93 -18.82
C VAL A 226 4.60 2.59 -19.18
N THR A 227 4.29 2.39 -20.47
CA THR A 227 3.66 1.14 -20.88
C THR A 227 4.58 -0.06 -20.69
N ASP A 228 5.89 0.17 -20.64
CA ASP A 228 6.82 -0.91 -20.34
C ASP A 228 6.82 -1.24 -18.85
N VAL A 229 6.64 -0.22 -18.01
CA VAL A 229 6.66 -0.43 -16.56
C VAL A 229 5.44 -1.23 -16.12
N ILE A 230 4.26 -0.85 -16.61
CA ILE A 230 3.04 -1.55 -16.24
C ILE A 230 3.05 -2.98 -16.77
N ILE A 231 3.58 -3.18 -17.97
CA ILE A 231 3.75 -4.53 -18.51
C ILE A 231 4.68 -5.34 -17.61
N LYS A 232 5.82 -4.73 -17.23
CA LYS A 232 6.75 -5.41 -16.33
C LYS A 232 6.13 -5.62 -14.95
N ASN A 233 5.37 -4.65 -14.46
CA ASN A 233 4.79 -4.77 -13.13
C ASN A 233 3.81 -5.94 -13.03
N ASN A 234 3.10 -6.25 -14.12
CA ASN A 234 2.20 -7.39 -14.11
C ASN A 234 2.96 -8.70 -13.95
N LEU A 235 4.20 -8.77 -14.44
CA LEU A 235 4.99 -9.99 -14.33
C LEU A 235 5.33 -10.32 -12.87
N LYS A 236 5.68 -9.31 -12.07
CA LYS A 236 5.90 -9.56 -10.65
C LYS A 236 4.64 -10.04 -9.97
N ASP A 237 3.50 -9.42 -10.28
CA ASP A 237 2.22 -9.85 -9.71
C ASP A 237 1.79 -11.22 -10.21
N CYS A 238 2.28 -11.66 -11.36
CA CYS A 238 1.96 -12.97 -11.90
C CYS A 238 3.01 -14.01 -11.55
N GLY A 239 4.01 -13.64 -10.74
CA GLY A 239 5.06 -14.56 -10.34
C GLY A 239 5.89 -15.06 -11.51
N LEU A 240 6.22 -14.17 -12.43
CA LEU A 240 6.99 -14.51 -13.62
C LEU A 240 8.33 -13.82 -13.68
N PHE A 241 8.39 -12.54 -13.32
CA PHE A 241 9.62 -11.78 -13.34
C PHE A 241 10.50 -12.14 -12.16
N SER B 13 30.81 41.92 19.08
CA SER B 13 29.51 41.33 18.82
C SER B 13 28.85 40.86 20.12
N GLU B 14 27.56 41.19 20.27
CA GLU B 14 26.79 40.80 21.45
C GLU B 14 26.05 39.48 21.26
N LEU B 15 26.21 38.83 20.11
CA LEU B 15 25.52 37.56 19.86
C LEU B 15 25.99 36.47 20.82
N ASP B 16 27.30 36.43 21.09
CA ASP B 16 27.83 35.41 22.00
C ASP B 16 27.29 35.58 23.41
N GLN B 17 27.17 36.83 23.88
CA GLN B 17 26.61 37.06 25.21
C GLN B 17 25.15 36.64 25.28
N LEU B 18 24.38 36.93 24.23
CA LEU B 18 22.96 36.55 24.20
C LEU B 18 22.81 35.04 24.24
N ARG B 19 23.65 34.31 23.49
CA ARG B 19 23.57 32.85 23.51
C ARG B 19 23.90 32.31 24.88
N GLN B 20 24.90 32.88 25.55
CA GLN B 20 25.23 32.47 26.91
C GLN B 20 24.07 32.76 27.86
N GLU B 21 23.43 33.92 27.70
CA GLU B 21 22.26 34.24 28.52
C GLU B 21 21.13 33.26 28.27
N ALA B 22 20.89 32.89 27.01
CA ALA B 22 19.87 31.89 26.72
C ALA B 22 20.26 30.52 27.29
N GLU B 23 21.55 30.17 27.24
CA GLU B 23 21.98 28.87 27.72
C GLU B 23 21.75 28.73 29.22
N GLN B 24 22.05 29.77 29.99
CA GLN B 24 21.85 29.69 31.44
C GLN B 24 20.37 29.67 31.81
N LEU B 25 19.52 30.28 31.00
CA LEU B 25 18.09 30.19 31.24
C LEU B 25 17.58 28.76 31.08
N LYS B 26 18.10 28.05 30.08
CA LYS B 26 17.72 26.64 29.91
C LYS B 26 18.17 25.81 31.10
N ASN B 27 19.37 26.09 31.62
CA ASN B 27 19.85 25.38 32.80
C ASN B 27 18.95 25.65 34.01
N GLN B 28 18.51 26.91 34.17
CA GLN B 28 17.58 27.22 35.25
C GLN B 28 16.26 26.50 35.06
N ILE B 29 15.79 26.40 33.81
CA ILE B 29 14.51 25.74 33.54
C ILE B 29 14.58 24.27 33.92
N ARG B 30 15.64 23.58 33.53
CA ARG B 30 15.75 22.16 33.82
C ARG B 30 16.02 21.92 35.31
N ASP B 31 16.74 22.83 35.97
CA ASP B 31 16.95 22.68 37.41
C ASP B 31 15.65 22.86 38.18
N ALA B 32 14.80 23.81 37.76
CA ALA B 32 13.51 23.98 38.41
C ALA B 32 12.63 22.76 38.24
N ARG B 33 12.65 22.16 37.04
CA ARG B 33 11.90 20.92 36.81
C ARG B 33 12.49 19.78 37.61
N LYS B 34 13.82 19.75 37.77
CA LYS B 34 14.47 18.69 38.52
C LYS B 34 14.07 18.71 39.99
N ALA B 35 13.74 19.88 40.52
CA ALA B 35 13.34 19.99 41.92
C ALA B 35 12.07 19.20 42.18
N CYS B 36 11.09 19.26 41.27
CA CYS B 36 9.85 18.52 41.40
C CYS B 36 9.93 17.12 40.79
N ALA B 37 11.05 16.77 40.17
CA ALA B 37 11.20 15.49 39.50
C ALA B 37 11.41 14.33 40.45
N ASP B 38 11.56 14.59 41.76
CA ASP B 38 11.78 13.50 42.71
C ASP B 38 10.61 12.53 42.75
N ALA B 39 9.39 13.06 42.71
CA ALA B 39 8.19 12.23 42.70
C ALA B 39 7.83 11.86 41.26
N THR B 40 7.48 10.59 41.06
CA THR B 40 7.08 10.09 39.74
C THR B 40 5.72 9.45 39.85
N LEU B 41 4.88 9.68 38.83
CA LEU B 41 3.56 9.07 38.81
C LEU B 41 3.61 7.55 38.68
N SER B 42 4.69 7.00 38.13
CA SER B 42 4.78 5.56 37.97
C SER B 42 4.78 4.85 39.32
N GLN B 43 5.49 5.40 40.29
CA GLN B 43 5.54 4.82 41.63
C GLN B 43 4.37 5.22 42.51
N ILE B 44 3.50 6.11 42.03
CA ILE B 44 2.35 6.55 42.81
C ILE B 44 1.14 5.67 42.55
N THR B 45 0.88 5.32 41.29
CA THR B 45 -0.27 4.51 40.91
C THR B 45 0.01 3.01 40.95
N ASN B 46 0.98 2.57 41.74
CA ASN B 46 1.20 1.14 41.89
C ASN B 46 0.13 0.49 42.76
N ASN B 47 -0.54 1.27 43.60
CA ASN B 47 -1.57 0.72 44.49
C ASN B 47 -2.87 0.44 43.76
N ILE B 48 -3.23 1.25 42.76
CA ILE B 48 -4.50 1.05 42.07
C ILE B 48 -4.46 -0.23 41.25
N ASP B 49 -5.61 -0.88 41.15
CA ASP B 49 -5.70 -2.12 40.41
C ASP B 49 -5.53 -1.87 38.91
N PRO B 50 -4.77 -2.71 38.21
CA PRO B 50 -4.64 -2.54 36.76
C PRO B 50 -5.95 -2.82 36.04
N VAL B 51 -6.12 -2.18 34.88
CA VAL B 51 -7.32 -2.38 34.09
C VAL B 51 -7.41 -3.80 33.55
N GLY B 52 -6.28 -4.49 33.44
CA GLY B 52 -6.26 -5.86 32.95
C GLY B 52 -6.38 -5.92 31.44
N ARG B 53 -6.43 -7.15 30.94
CA ARG B 53 -6.57 -7.36 29.49
C ARG B 53 -7.93 -6.90 29.03
N ILE B 54 -7.97 -6.14 27.94
CA ILE B 54 -9.20 -5.58 27.40
C ILE B 54 -9.34 -6.05 25.96
N GLN B 55 -10.57 -6.38 25.57
CA GLN B 55 -10.87 -6.83 24.22
C GLN B 55 -11.74 -5.80 23.52
N MET B 56 -11.47 -5.59 22.24
CA MET B 56 -12.25 -4.67 21.42
C MET B 56 -12.47 -5.32 20.07
N ARG B 57 -13.71 -5.30 19.59
CA ARG B 57 -14.07 -5.94 18.33
C ARG B 57 -14.56 -4.90 17.35
N THR B 58 -14.31 -5.16 16.06
CA THR B 58 -14.74 -4.24 15.01
C THR B 58 -16.23 -4.34 14.82
N ARG B 59 -16.99 -3.48 15.49
CA ARG B 59 -18.45 -3.50 15.35
C ARG B 59 -18.86 -3.12 13.93
N ARG B 60 -18.20 -2.13 13.36
CA ARG B 60 -18.48 -1.69 12.00
C ARG B 60 -17.18 -1.57 11.23
N THR B 61 -17.27 -1.74 9.92
CA THR B 61 -16.12 -1.62 9.02
C THR B 61 -16.57 -0.72 7.87
N LEU B 62 -16.32 0.57 7.99
CA LEU B 62 -16.70 1.52 6.95
C LEU B 62 -15.77 1.38 5.77
N ARG B 63 -16.35 1.14 4.59
CA ARG B 63 -15.57 0.95 3.38
C ARG B 63 -16.19 1.76 2.25
N GLY B 64 -15.36 2.08 1.25
CA GLY B 64 -15.79 2.90 0.14
C GLY B 64 -14.69 3.81 -0.35
N HIS B 65 -13.68 4.04 0.50
CA HIS B 65 -12.53 4.82 0.09
C HIS B 65 -11.66 4.00 -0.87
N LEU B 66 -11.09 4.66 -1.86
CA LEU B 66 -10.31 4.00 -2.89
C LEU B 66 -8.82 4.29 -2.80
N ALA B 67 -8.37 4.87 -1.69
CA ALA B 67 -6.96 5.20 -1.50
C ALA B 67 -6.69 5.25 0.00
N LYS B 68 -5.43 5.56 0.34
CA LYS B 68 -5.05 5.61 1.74
C LYS B 68 -5.81 6.70 2.48
N ILE B 69 -6.28 6.36 3.67
CA ILE B 69 -7.00 7.30 4.54
C ILE B 69 -6.02 7.93 5.51
N TYR B 70 -5.84 9.25 5.40
CA TYR B 70 -4.86 9.96 6.21
C TYR B 70 -5.46 10.56 7.47
N ALA B 71 -6.69 11.06 7.42
CA ALA B 71 -7.27 11.71 8.58
C ALA B 71 -8.74 11.38 8.71
N MET B 72 -9.21 11.41 9.96
CA MET B 72 -10.63 11.29 10.26
C MET B 72 -10.91 12.12 11.50
N HIS B 73 -12.16 12.53 11.64
CA HIS B 73 -12.59 13.28 12.81
C HIS B 73 -13.98 12.83 13.22
N TRP B 74 -14.16 12.56 14.50
CA TRP B 74 -15.46 12.14 15.00
C TRP B 74 -16.41 13.33 15.09
N GLY B 75 -17.69 13.03 15.01
CA GLY B 75 -18.69 14.07 15.13
C GLY B 75 -18.89 14.50 16.56
N THR B 76 -19.44 15.71 16.72
CA THR B 76 -19.72 16.23 18.04
C THR B 76 -20.84 15.48 18.74
N ASP B 77 -21.68 14.77 17.99
CA ASP B 77 -22.77 13.98 18.54
C ASP B 77 -22.39 12.50 18.67
N SER B 78 -21.14 12.16 18.41
CA SER B 78 -20.62 10.80 18.49
C SER B 78 -21.32 9.84 17.53
N ARG B 79 -21.98 10.38 16.51
CA ARG B 79 -22.65 9.57 15.50
C ARG B 79 -22.05 9.75 14.12
N LEU B 80 -21.90 10.99 13.66
CA LEU B 80 -21.35 11.27 12.35
C LEU B 80 -19.83 11.15 12.39
N LEU B 81 -19.25 10.72 11.27
CA LEU B 81 -17.82 10.51 11.13
C LEU B 81 -17.38 11.03 9.78
N VAL B 82 -16.30 11.80 9.74
CA VAL B 82 -15.77 12.34 8.50
C VAL B 82 -14.36 11.81 8.31
N SER B 83 -14.04 11.39 7.10
CA SER B 83 -12.71 10.88 6.79
C SER B 83 -12.26 11.45 5.45
N ALA B 84 -10.95 11.57 5.30
CA ALA B 84 -10.34 12.11 4.09
C ALA B 84 -9.34 11.10 3.53
N SER B 85 -9.32 10.95 2.21
CA SER B 85 -8.46 10.00 1.54
C SER B 85 -7.79 10.65 0.34
N GLN B 86 -6.69 10.05 -0.09
CA GLN B 86 -5.93 10.57 -1.24
C GLN B 86 -6.68 10.40 -2.55
N ASP B 87 -7.78 9.65 -2.56
CA ASP B 87 -8.58 9.52 -3.77
C ASP B 87 -9.19 10.84 -4.18
N GLY B 88 -9.24 11.81 -3.27
CA GLY B 88 -9.83 13.10 -3.54
C GLY B 88 -11.25 13.25 -3.04
N LYS B 89 -11.74 12.31 -2.25
CA LYS B 89 -13.10 12.32 -1.75
C LYS B 89 -13.10 12.42 -0.23
N LEU B 90 -13.91 13.33 0.29
CA LEU B 90 -14.13 13.49 1.71
C LEU B 90 -15.53 12.96 2.00
N ILE B 91 -15.63 11.98 2.89
CA ILE B 91 -16.86 11.24 3.12
C ILE B 91 -17.28 11.42 4.56
N ILE B 92 -18.54 11.79 4.77
CA ILE B 92 -19.14 11.82 6.11
C ILE B 92 -19.96 10.55 6.27
N TRP B 93 -19.61 9.76 7.27
CA TRP B 93 -20.23 8.46 7.52
C TRP B 93 -21.25 8.54 8.64
N ASP B 94 -22.16 7.59 8.64
CA ASP B 94 -23.08 7.38 9.74
C ASP B 94 -22.62 6.08 10.40
N SER B 95 -21.92 6.23 11.52
CA SER B 95 -21.28 5.08 12.14
C SER B 95 -22.28 4.04 12.63
N TYR B 96 -23.47 4.49 13.03
CA TYR B 96 -24.47 3.55 13.55
C TYR B 96 -24.95 2.61 12.46
N THR B 97 -25.21 3.12 11.26
CA THR B 97 -25.80 2.34 10.19
C THR B 97 -24.87 2.15 8.99
N THR B 98 -23.60 2.54 9.11
CA THR B 98 -22.60 2.37 8.05
C THR B 98 -22.96 3.17 6.80
N ASN B 99 -24.06 3.93 6.86
CA ASN B 99 -24.50 4.68 5.70
C ASN B 99 -23.56 5.85 5.43
N LYS B 100 -23.65 6.39 4.22
CA LYS B 100 -22.86 7.53 3.81
C LYS B 100 -23.77 8.71 3.55
N VAL B 101 -23.42 9.86 4.11
CA VAL B 101 -24.26 11.05 4.05
C VAL B 101 -23.80 12.00 2.96
N HIS B 102 -22.50 12.26 2.87
CA HIS B 102 -21.96 13.17 1.87
C HIS B 102 -20.68 12.59 1.30
N ALA B 103 -20.29 13.09 0.13
CA ALA B 103 -19.04 12.69 -0.51
C ALA B 103 -18.53 13.90 -1.28
N ILE B 104 -17.63 14.65 -0.65
CA ILE B 104 -17.13 15.90 -1.23
C ILE B 104 -15.99 15.64 -2.21
N PRO B 105 -16.09 16.09 -3.44
CA PRO B 105 -14.98 15.98 -4.40
C PRO B 105 -13.94 17.08 -4.20
N LEU B 106 -12.98 16.84 -3.30
CA LEU B 106 -11.96 17.84 -3.02
C LEU B 106 -11.22 18.22 -4.29
N ARG B 107 -10.94 19.52 -4.45
CA ARG B 107 -10.25 20.00 -5.63
C ARG B 107 -8.84 19.43 -5.71
N SER B 108 -8.14 19.38 -4.60
CA SER B 108 -6.79 18.82 -4.52
C SER B 108 -6.89 17.46 -3.82
N SER B 109 -6.43 16.42 -4.51
CA SER B 109 -6.49 15.08 -3.93
C SER B 109 -5.47 14.84 -2.84
N TRP B 110 -4.51 15.75 -2.66
CA TRP B 110 -3.48 15.60 -1.63
C TRP B 110 -3.99 16.23 -0.35
N VAL B 111 -4.83 15.47 0.36
CA VAL B 111 -5.40 15.90 1.63
C VAL B 111 -4.71 15.12 2.74
N MET B 112 -4.32 15.83 3.80
CA MET B 112 -3.63 15.20 4.92
C MET B 112 -4.33 15.42 6.24
N THR B 113 -5.37 16.23 6.31
CA THR B 113 -6.07 16.48 7.55
C THR B 113 -7.52 16.84 7.24
N CYS B 114 -8.39 16.60 8.22
CA CYS B 114 -9.79 16.94 8.11
C CYS B 114 -10.35 17.16 9.50
N ALA B 115 -11.26 18.12 9.61
CA ALA B 115 -11.87 18.47 10.89
C ALA B 115 -13.37 18.56 10.70
N TYR B 116 -14.11 18.25 11.77
CA TYR B 116 -15.56 18.32 11.77
C TYR B 116 -15.94 19.34 12.82
N ALA B 117 -16.76 20.32 12.45
CA ALA B 117 -17.07 21.42 13.35
C ALA B 117 -17.85 20.93 14.56
N PRO B 118 -17.63 21.52 15.74
CA PRO B 118 -18.39 21.14 16.93
C PRO B 118 -19.88 21.41 16.80
N SER B 119 -20.29 22.29 15.90
CA SER B 119 -21.70 22.51 15.66
C SER B 119 -22.28 21.58 14.61
N GLY B 120 -21.43 20.78 13.96
CA GLY B 120 -21.91 19.84 12.96
C GLY B 120 -22.33 20.46 11.66
N ASN B 121 -21.86 21.66 11.35
CA ASN B 121 -22.27 22.35 10.14
C ASN B 121 -21.16 22.50 9.12
N TYR B 122 -19.90 22.37 9.52
CA TYR B 122 -18.78 22.64 8.64
C TYR B 122 -17.75 21.52 8.72
N VAL B 123 -17.06 21.28 7.60
CA VAL B 123 -15.95 20.33 7.53
C VAL B 123 -14.80 21.01 6.82
N ALA B 124 -13.59 20.83 7.34
CA ALA B 124 -12.40 21.45 6.80
C ALA B 124 -11.46 20.41 6.20
N CYS B 125 -10.63 20.85 5.25
CA CYS B 125 -9.66 19.99 4.61
C CYS B 125 -8.39 20.78 4.32
N GLY B 126 -7.29 20.06 4.15
CA GLY B 126 -6.03 20.68 3.83
C GLY B 126 -4.98 19.62 3.58
N GLY B 127 -3.88 20.06 2.99
CA GLY B 127 -2.79 19.14 2.69
C GLY B 127 -1.66 19.77 1.91
N LEU B 128 -1.18 19.09 0.88
CA LEU B 128 -0.07 19.61 0.09
C LEU B 128 -0.47 20.79 -0.77
N ASP B 129 -1.76 21.10 -0.86
CA ASP B 129 -2.24 22.21 -1.66
C ASP B 129 -1.98 23.57 -1.01
N ASN B 130 -1.40 23.59 0.20
CA ASN B 130 -1.00 24.78 0.94
C ASN B 130 -2.17 25.64 1.39
N ILE B 131 -3.41 25.17 1.25
CA ILE B 131 -4.58 25.95 1.62
C ILE B 131 -5.52 25.09 2.44
N CYS B 132 -6.39 25.76 3.19
CA CYS B 132 -7.41 25.09 4.00
C CYS B 132 -8.77 25.38 3.38
N SER B 133 -9.50 24.33 3.03
CA SER B 133 -10.80 24.42 2.39
C SER B 133 -11.88 24.05 3.40
N ILE B 134 -12.90 24.88 3.48
CA ILE B 134 -14.01 24.68 4.42
C ILE B 134 -15.29 24.54 3.62
N TYR B 135 -16.04 23.47 3.90
CA TYR B 135 -17.24 23.14 3.15
C TYR B 135 -18.46 23.26 4.05
N ASN B 136 -19.51 23.88 3.52
CA ASN B 136 -20.74 24.08 4.28
C ASN B 136 -21.63 22.86 4.09
N LEU B 137 -21.79 22.07 5.15
CA LEU B 137 -22.62 20.88 5.06
C LEU B 137 -24.10 21.24 4.95
N LYS B 138 -24.55 22.21 5.74
CA LYS B 138 -25.97 22.58 5.79
C LYS B 138 -26.23 23.65 4.73
N THR B 139 -26.36 23.20 3.49
CA THR B 139 -26.65 24.07 2.36
C THR B 139 -28.11 23.93 1.98
N ARG B 140 -28.83 25.06 1.91
CA ARG B 140 -30.24 25.02 1.56
C ARG B 140 -30.45 24.70 0.08
N GLU B 141 -29.41 24.79 -0.74
CA GLU B 141 -29.52 24.52 -2.17
C GLU B 141 -29.23 23.06 -2.53
N GLY B 142 -28.98 22.21 -1.54
CA GLY B 142 -28.71 20.81 -1.81
C GLY B 142 -27.26 20.40 -1.63
N ASN B 143 -26.55 20.23 -2.74
CA ASN B 143 -25.16 19.77 -2.69
C ASN B 143 -24.28 20.77 -1.96
N VAL B 144 -23.27 20.24 -1.26
CA VAL B 144 -22.36 21.09 -0.50
C VAL B 144 -21.43 21.84 -1.43
N ARG B 145 -20.93 22.98 -0.95
CA ARG B 145 -20.04 23.83 -1.72
C ARG B 145 -18.93 24.35 -0.82
N VAL B 146 -17.85 24.79 -1.44
CA VAL B 146 -16.70 25.32 -0.69
C VAL B 146 -17.10 26.67 -0.10
N SER B 147 -17.30 26.71 1.22
CA SER B 147 -17.70 27.94 1.87
C SER B 147 -16.57 28.97 1.84
N ARG B 148 -15.37 28.56 2.24
CA ARG B 148 -14.22 29.44 2.28
C ARG B 148 -12.97 28.67 1.88
N GLU B 149 -11.97 29.40 1.40
CA GLU B 149 -10.71 28.83 0.95
C GLU B 149 -9.58 29.61 1.62
N LEU B 150 -9.20 29.19 2.82
CA LEU B 150 -8.16 29.89 3.57
C LEU B 150 -6.80 29.67 2.92
N ALA B 151 -6.06 30.75 2.73
CA ALA B 151 -4.74 30.69 2.13
C ALA B 151 -3.80 31.64 2.87
N GLY B 152 -2.51 31.35 2.81
CA GLY B 152 -1.51 32.16 3.47
C GLY B 152 -0.37 31.35 4.05
N HIS B 153 -0.51 30.03 4.04
CA HIS B 153 0.52 29.14 4.54
C HIS B 153 1.48 28.78 3.40
N THR B 154 2.77 28.88 3.67
CA THR B 154 3.79 28.50 2.70
C THR B 154 4.24 27.07 2.83
N GLY B 155 3.66 26.33 3.79
CA GLY B 155 3.99 24.93 3.97
C GLY B 155 2.72 24.10 4.00
N TYR B 156 2.90 22.80 3.78
CA TYR B 156 1.77 21.89 3.73
C TYR B 156 0.98 21.90 5.03
N LEU B 157 -0.33 21.88 4.92
CA LEU B 157 -1.22 21.90 6.08
C LEU B 157 -1.26 20.51 6.70
N SER B 158 -0.80 20.40 7.95
CA SER B 158 -0.71 19.12 8.64
C SER B 158 -1.90 18.83 9.53
N CYS B 159 -2.48 19.85 10.17
CA CYS B 159 -3.60 19.63 11.06
C CYS B 159 -4.48 20.87 11.07
N CYS B 160 -5.74 20.68 11.42
CA CYS B 160 -6.68 21.78 11.55
C CYS B 160 -7.79 21.34 12.48
N ARG B 161 -8.22 22.25 13.35
CA ARG B 161 -9.29 21.99 14.31
C ARG B 161 -10.17 23.22 14.40
N PHE B 162 -11.44 22.98 14.68
CA PHE B 162 -12.45 24.03 14.76
C PHE B 162 -12.61 24.44 16.22
N LEU B 163 -12.43 25.74 16.49
CA LEU B 163 -12.79 26.26 17.81
C LEU B 163 -14.29 26.47 17.90
N ASP B 164 -14.86 27.13 16.90
CA ASP B 164 -16.30 27.32 16.77
C ASP B 164 -16.61 27.43 15.28
N ASP B 165 -17.81 27.90 14.96
CA ASP B 165 -18.20 28.00 13.56
C ASP B 165 -17.44 29.09 12.81
N ASN B 166 -16.76 29.98 13.51
CA ASN B 166 -16.04 31.08 12.87
C ASN B 166 -14.55 31.11 13.19
N GLN B 167 -14.05 30.18 14.00
CA GLN B 167 -12.64 30.15 14.37
C GLN B 167 -12.05 28.79 14.06
N ILE B 168 -10.91 28.77 13.40
CA ILE B 168 -10.18 27.54 13.08
C ILE B 168 -8.70 27.80 13.30
N VAL B 169 -8.00 26.78 13.81
CA VAL B 169 -6.56 26.84 14.01
C VAL B 169 -5.93 25.77 13.13
N THR B 170 -4.85 26.13 12.44
CA THR B 170 -4.22 25.25 11.46
C THR B 170 -2.75 25.07 11.79
N SER B 171 -2.27 23.85 11.57
CA SER B 171 -0.86 23.51 11.70
C SER B 171 -0.28 23.33 10.30
N SER B 172 0.83 24.02 10.02
CA SER B 172 1.40 24.04 8.70
C SER B 172 2.81 23.49 8.72
N GLY B 173 3.33 23.24 7.51
CA GLY B 173 4.67 22.71 7.36
C GLY B 173 5.68 23.80 7.17
N ASP B 174 5.32 25.03 7.55
CA ASP B 174 6.22 26.16 7.52
C ASP B 174 6.63 26.58 8.93
N THR B 175 6.59 25.62 9.86
CA THR B 175 6.96 25.86 11.26
C THR B 175 6.14 26.99 11.87
N THR B 176 4.84 27.03 11.56
CA THR B 176 4.00 28.11 12.03
C THR B 176 2.55 27.67 12.11
N CYS B 177 1.92 27.91 13.26
CA CYS B 177 0.49 27.70 13.44
C CYS B 177 -0.22 29.03 13.35
N ALA B 178 -1.46 29.01 12.87
CA ALA B 178 -2.22 30.23 12.68
C ALA B 178 -3.67 30.03 13.08
N LEU B 179 -4.30 31.11 13.53
CA LEU B 179 -5.72 31.11 13.84
C LEU B 179 -6.44 31.95 12.79
N TRP B 180 -7.48 31.40 12.18
CA TRP B 180 -8.16 32.01 11.06
C TRP B 180 -9.59 32.37 11.43
N ASP B 181 -10.09 33.44 10.83
CA ASP B 181 -11.48 33.83 10.93
C ASP B 181 -12.16 33.47 9.61
N ILE B 182 -13.23 32.68 9.69
CA ILE B 182 -13.87 32.17 8.48
C ILE B 182 -14.54 33.30 7.71
N GLU B 183 -15.14 34.26 8.43
CA GLU B 183 -15.89 35.32 7.77
C GLU B 183 -15.01 36.16 6.86
N THR B 184 -13.81 36.51 7.31
CA THR B 184 -12.92 37.36 6.54
C THR B 184 -11.82 36.58 5.84
N GLY B 185 -11.57 35.33 6.25
CA GLY B 185 -10.51 34.54 5.63
C GLY B 185 -9.12 35.08 5.83
N GLN B 186 -8.83 35.62 7.01
CA GLN B 186 -7.53 36.19 7.30
C GLN B 186 -7.00 35.61 8.61
N GLN B 187 -5.67 35.59 8.72
CA GLN B 187 -5.00 35.06 9.90
C GLN B 187 -5.16 36.05 11.05
N THR B 188 -6.08 35.75 11.97
CA THR B 188 -6.27 36.62 13.12
C THR B 188 -5.02 36.62 14.01
N THR B 189 -4.44 35.45 14.25
CA THR B 189 -3.25 35.33 15.07
C THR B 189 -2.31 34.31 14.45
N THR B 190 -1.02 34.62 14.46
CA THR B 190 0.01 33.74 13.93
C THR B 190 0.91 33.29 15.07
N PHE B 191 1.08 31.98 15.20
CA PHE B 191 1.90 31.39 16.26
C PHE B 191 3.24 30.97 15.67
N THR B 192 4.32 31.51 16.22
CA THR B 192 5.67 31.23 15.75
C THR B 192 6.54 30.84 16.94
N GLY B 193 7.60 30.10 16.64
CA GLY B 193 8.51 29.65 17.67
C GLY B 193 9.05 28.26 17.42
N HIS B 194 8.36 27.49 16.57
CA HIS B 194 8.81 26.15 16.23
C HIS B 194 9.95 26.24 15.22
N THR B 195 11.02 25.51 15.48
CA THR B 195 12.13 25.41 14.54
C THR B 195 11.98 24.24 13.58
N GLY B 196 10.93 23.43 13.74
CA GLY B 196 10.66 22.32 12.86
C GLY B 196 9.23 22.39 12.35
N ASP B 197 8.94 21.53 11.39
CA ASP B 197 7.62 21.52 10.78
C ASP B 197 6.58 21.03 11.77
N VAL B 198 5.51 21.80 11.94
CA VAL B 198 4.46 21.44 12.88
C VAL B 198 3.61 20.35 12.26
N MET B 199 3.39 19.27 13.01
CA MET B 199 2.70 18.10 12.49
C MET B 199 1.29 17.91 13.02
N SER B 200 1.01 18.35 14.25
CA SER B 200 -0.31 18.12 14.81
C SER B 200 -0.57 19.14 15.90
N LEU B 201 -1.84 19.28 16.25
CA LEU B 201 -2.25 20.15 17.33
C LEU B 201 -3.51 19.59 17.97
N SER B 202 -3.71 19.93 19.22
CA SER B 202 -4.88 19.50 19.98
C SER B 202 -5.45 20.69 20.73
N LEU B 203 -6.77 20.73 20.86
CA LEU B 203 -7.45 21.82 21.53
C LEU B 203 -7.88 21.36 22.92
N ALA B 204 -7.79 22.26 23.89
CA ALA B 204 -8.26 21.97 25.22
C ALA B 204 -9.78 21.91 25.22
N PRO B 205 -10.37 21.22 26.21
CA PRO B 205 -11.84 21.14 26.27
C PRO B 205 -12.54 22.49 26.32
N ASP B 206 -11.93 23.50 26.95
CA ASP B 206 -12.53 24.83 26.97
C ASP B 206 -12.21 25.64 25.72
N THR B 207 -11.39 25.09 24.82
CA THR B 207 -11.03 25.74 23.55
C THR B 207 -10.44 27.13 23.78
N ARG B 208 -9.56 27.23 24.78
CA ARG B 208 -8.88 28.47 25.10
C ARG B 208 -7.39 28.43 24.83
N LEU B 209 -6.75 27.29 25.08
CA LEU B 209 -5.33 27.09 24.85
C LEU B 209 -5.12 25.76 24.16
N PHE B 210 -4.16 25.72 23.24
CA PHE B 210 -3.88 24.50 22.47
C PHE B 210 -2.38 24.27 22.43
N VAL B 211 -1.99 23.01 22.29
CA VAL B 211 -0.60 22.62 22.19
C VAL B 211 -0.37 21.92 20.85
N SER B 212 0.76 22.23 20.22
CA SER B 212 1.12 21.68 18.92
C SER B 212 2.48 21.00 18.99
N GLY B 213 2.60 19.84 18.36
CA GLY B 213 3.85 19.12 18.28
C GLY B 213 4.47 19.31 16.90
N ALA B 214 5.78 19.50 16.86
CA ALA B 214 6.47 19.77 15.62
C ALA B 214 7.57 18.74 15.38
N CYS B 215 8.31 18.93 14.29
CA CYS B 215 9.38 18.03 13.93
C CYS B 215 10.67 18.30 14.71
N ASP B 216 10.71 19.36 15.51
CA ASP B 216 11.88 19.67 16.32
C ASP B 216 11.86 18.94 17.66
N ALA B 217 11.07 17.86 17.77
CA ALA B 217 10.95 17.07 18.99
C ALA B 217 10.51 17.90 20.19
N SER B 218 9.68 18.91 19.95
CA SER B 218 9.21 19.79 21.02
C SER B 218 7.73 20.07 20.85
N ALA B 219 7.02 20.09 21.96
CA ALA B 219 5.60 20.44 22.00
C ALA B 219 5.45 21.75 22.76
N LYS B 220 4.84 22.75 22.12
CA LYS B 220 4.69 24.07 22.69
C LYS B 220 3.22 24.37 22.96
N LEU B 221 2.92 24.84 24.16
CA LEU B 221 1.57 25.20 24.55
C LEU B 221 1.34 26.67 24.26
N TRP B 222 0.26 26.97 23.54
CA TRP B 222 -0.05 28.32 23.11
C TRP B 222 -1.33 28.82 23.77
N ASP B 223 -1.50 30.14 23.73
CA ASP B 223 -2.70 30.80 24.21
C ASP B 223 -3.41 31.41 23.00
N VAL B 224 -4.66 31.00 22.79
CA VAL B 224 -5.42 31.48 21.62
C VAL B 224 -5.69 32.97 21.73
N ARG B 225 -6.09 33.43 22.93
CA ARG B 225 -6.45 34.84 23.10
C ARG B 225 -5.26 35.75 22.88
N GLU B 226 -4.09 35.36 23.40
CA GLU B 226 -2.89 36.20 23.29
C GLU B 226 -2.12 35.92 22.00
N GLY B 227 -1.69 34.67 21.82
CA GLY B 227 -0.91 34.32 20.65
C GLY B 227 0.56 34.18 20.98
N MET B 228 0.84 33.59 22.14
CA MET B 228 2.21 33.43 22.63
C MET B 228 2.40 32.01 23.15
N CYS B 229 3.65 31.56 23.13
CA CYS B 229 4.01 30.22 23.60
C CYS B 229 4.20 30.27 25.11
N ARG B 230 3.23 29.74 25.86
CA ARG B 230 3.31 29.78 27.31
C ARG B 230 4.33 28.79 27.84
N GLN B 231 4.37 27.58 27.29
CA GLN B 231 5.25 26.53 27.77
C GLN B 231 5.82 25.75 26.60
N THR B 232 6.97 25.14 26.82
CA THR B 232 7.64 24.30 25.84
C THR B 232 8.09 23.02 26.50
N PHE B 233 7.80 21.89 25.85
CA PHE B 233 8.14 20.57 26.38
C PHE B 233 9.07 19.88 25.40
N THR B 234 10.18 19.35 25.92
CA THR B 234 11.19 18.66 25.10
C THR B 234 11.52 17.34 25.79
N GLY B 235 10.86 16.27 25.36
CA GLY B 235 11.11 14.96 25.94
C GLY B 235 11.46 13.92 24.89
N HIS B 236 11.14 14.19 23.64
CA HIS B 236 11.39 13.29 22.53
C HIS B 236 12.72 13.63 21.85
N GLU B 237 13.19 12.69 21.04
CA GLU B 237 14.40 12.89 20.26
C GLU B 237 14.15 12.74 18.77
N SER B 238 12.89 12.62 18.35
CA SER B 238 12.55 12.46 16.94
C SER B 238 11.32 13.32 16.66
N ASP B 239 10.78 13.17 15.45
CA ASP B 239 9.63 13.96 15.04
C ASP B 239 8.40 13.60 15.86
N ILE B 240 7.65 14.61 16.27
CA ILE B 240 6.41 14.42 17.02
C ILE B 240 5.26 14.44 16.02
N ASN B 241 4.44 13.39 16.05
CA ASN B 241 3.38 13.21 15.07
C ASN B 241 1.98 13.27 15.64
N ALA B 242 1.80 13.04 16.93
CA ALA B 242 0.48 12.97 17.54
C ALA B 242 0.44 13.81 18.80
N ILE B 243 -0.63 14.61 18.94
CA ILE B 243 -0.87 15.43 20.12
C ILE B 243 -2.31 15.23 20.54
N CYS B 244 -2.51 15.01 21.84
CA CYS B 244 -3.87 14.86 22.36
C CYS B 244 -3.90 15.27 23.83
N PHE B 245 -4.89 16.08 24.19
CA PHE B 245 -5.04 16.50 25.58
C PHE B 245 -5.68 15.42 26.43
N PHE B 246 -5.39 15.49 27.72
CA PHE B 246 -6.12 14.71 28.70
C PHE B 246 -7.53 15.28 28.81
N PRO B 247 -8.52 14.43 29.14
CA PRO B 247 -9.88 14.95 29.32
C PRO B 247 -9.98 16.04 30.37
N ASN B 248 -9.14 15.98 31.41
CA ASN B 248 -9.11 17.03 32.42
C ASN B 248 -8.69 18.36 31.80
N GLY B 249 -7.71 18.32 30.90
CA GLY B 249 -7.19 19.50 30.26
C GLY B 249 -5.89 20.02 30.82
N ASN B 250 -5.39 19.42 31.90
CA ASN B 250 -4.14 19.82 32.53
C ASN B 250 -2.96 18.98 32.08
N ALA B 251 -3.15 18.08 31.12
CA ALA B 251 -2.07 17.22 30.66
C ALA B 251 -2.34 16.83 29.22
N PHE B 252 -1.32 16.30 28.56
CA PHE B 252 -1.46 15.85 27.19
C PHE B 252 -0.40 14.79 26.91
N ALA B 253 -0.64 14.01 25.86
CA ALA B 253 0.25 12.95 25.45
C ALA B 253 0.76 13.21 24.05
N THR B 254 2.01 12.82 23.80
CA THR B 254 2.66 13.04 22.52
C THR B 254 3.10 11.72 21.92
N GLY B 255 2.95 11.61 20.61
CA GLY B 255 3.43 10.45 19.87
C GLY B 255 4.52 10.87 18.91
N SER B 256 5.58 10.07 18.84
CA SER B 256 6.74 10.41 18.04
C SER B 256 7.14 9.21 17.19
N ASP B 257 8.21 9.38 16.43
CA ASP B 257 8.71 8.36 15.52
C ASP B 257 9.62 7.36 16.20
N ASP B 258 9.59 7.29 17.53
CA ASP B 258 10.43 6.38 18.31
C ASP B 258 9.61 5.33 19.05
N ALA B 259 8.36 5.13 18.67
CA ALA B 259 7.46 4.19 19.33
C ALA B 259 7.28 4.52 20.81
N THR B 260 7.46 5.79 21.16
CA THR B 260 7.35 6.25 22.54
C THR B 260 6.24 7.28 22.65
N CYS B 261 5.33 7.05 23.59
CA CYS B 261 4.30 8.02 23.93
C CYS B 261 4.66 8.61 25.29
N ARG B 262 4.70 9.94 25.36
CA ARG B 262 5.10 10.64 26.57
C ARG B 262 3.96 11.51 27.06
N LEU B 263 3.68 11.44 28.35
CA LEU B 263 2.62 12.23 28.97
C LEU B 263 3.26 13.43 29.68
N PHE B 264 2.82 14.63 29.31
CA PHE B 264 3.33 15.86 29.88
C PHE B 264 2.23 16.54 30.69
N ASP B 265 2.61 17.14 31.81
CA ASP B 265 1.67 17.85 32.66
C ASP B 265 1.89 19.35 32.50
N LEU B 266 0.82 20.08 32.20
CA LEU B 266 0.94 21.52 31.97
C LEU B 266 1.39 22.25 33.23
N ARG B 267 0.82 21.91 34.38
CA ARG B 267 1.17 22.60 35.61
C ARG B 267 2.56 22.19 36.10
N ALA B 268 2.89 20.90 36.01
CA ALA B 268 4.20 20.43 36.43
C ALA B 268 5.29 20.81 35.43
N ASP B 269 4.92 21.04 34.16
CA ASP B 269 5.87 21.40 33.11
C ASP B 269 6.99 20.36 32.96
N GLN B 270 6.62 19.08 33.06
CA GLN B 270 7.61 18.02 32.99
C GLN B 270 6.94 16.75 32.49
N GLU B 271 7.70 15.95 31.76
CA GLU B 271 7.22 14.65 31.30
C GLU B 271 6.98 13.73 32.49
N LEU B 272 5.85 13.02 32.47
CA LEU B 272 5.48 12.12 33.54
C LEU B 272 5.68 10.66 33.16
N MET B 273 5.00 10.19 32.12
CA MET B 273 5.04 8.82 31.67
C MET B 273 5.80 8.68 30.35
N THR B 274 6.28 7.47 30.10
CA THR B 274 6.92 7.13 28.84
C THR B 274 6.40 5.76 28.43
N TYR B 275 5.41 5.74 27.55
CA TYR B 275 4.78 4.52 27.08
C TYR B 275 5.60 3.97 25.92
N SER B 276 6.36 2.91 26.18
CA SER B 276 7.20 2.33 25.15
C SER B 276 7.37 0.84 25.45
N HIS B 277 7.73 0.09 24.42
CA HIS B 277 7.96 -1.33 24.54
C HIS B 277 9.16 -1.72 23.69
N ASP B 278 9.81 -2.81 24.07
CA ASP B 278 10.98 -3.26 23.32
C ASP B 278 10.59 -3.83 21.96
N ASN B 279 9.43 -4.49 21.89
CA ASN B 279 9.01 -5.11 20.63
C ASN B 279 8.73 -4.06 19.56
N ILE B 280 8.10 -2.95 19.94
CA ILE B 280 7.71 -1.93 18.97
C ILE B 280 8.92 -1.07 18.62
N ILE B 281 9.18 -0.92 17.32
CA ILE B 281 10.26 -0.08 16.82
C ILE B 281 9.79 0.93 15.78
N CYS B 282 8.52 0.92 15.43
CA CYS B 282 7.96 1.83 14.44
C CYS B 282 7.70 3.18 15.09
N GLY B 283 6.95 4.04 14.39
CA GLY B 283 6.65 5.37 14.88
C GLY B 283 5.18 5.55 15.18
N ILE B 284 4.87 6.44 16.11
CA ILE B 284 3.48 6.75 16.44
C ILE B 284 2.90 7.61 15.33
N THR B 285 1.67 7.31 14.94
CA THR B 285 0.98 8.12 13.94
C THR B 285 -0.17 8.93 14.51
N SER B 286 -0.86 8.41 15.54
CA SER B 286 -1.97 9.13 16.15
C SER B 286 -2.17 8.60 17.57
N VAL B 287 -2.63 9.48 18.45
CA VAL B 287 -2.94 9.13 19.83
C VAL B 287 -4.31 9.70 20.19
N SER B 288 -4.92 9.10 21.21
CA SER B 288 -6.21 9.55 21.70
C SER B 288 -6.40 9.09 23.13
N PHE B 289 -7.36 9.70 23.81
CA PHE B 289 -7.68 9.41 25.19
C PHE B 289 -9.13 9.00 25.29
N SER B 290 -9.44 8.16 26.28
CA SER B 290 -10.82 7.82 26.58
C SER B 290 -11.50 8.98 27.31
N LYS B 291 -12.78 8.82 27.64
CA LYS B 291 -13.48 9.86 28.39
C LYS B 291 -12.85 10.08 29.76
N SER B 292 -12.53 9.00 30.46
CA SER B 292 -11.94 9.13 31.78
C SER B 292 -10.45 9.42 31.74
N GLY B 293 -9.81 9.26 30.58
CA GLY B 293 -8.39 9.47 30.46
C GLY B 293 -7.54 8.33 30.99
N ARG B 294 -8.15 7.26 31.49
CA ARG B 294 -7.40 6.14 32.01
C ARG B 294 -6.78 5.31 30.89
N LEU B 295 -7.47 5.22 29.76
CA LEU B 295 -7.03 4.40 28.64
C LEU B 295 -6.45 5.29 27.54
N LEU B 296 -5.25 4.95 27.09
CA LEU B 296 -4.56 5.70 26.04
C LEU B 296 -4.49 4.82 24.80
N LEU B 297 -4.97 5.34 23.67
CA LEU B 297 -4.94 4.64 22.40
C LEU B 297 -3.96 5.34 21.46
N ALA B 298 -3.01 4.60 20.94
CA ALA B 298 -1.97 5.17 20.09
C ALA B 298 -1.85 4.37 18.80
N GLY B 299 -1.86 5.08 17.68
CA GLY B 299 -1.63 4.43 16.40
C GLY B 299 -0.18 4.08 16.21
N TYR B 300 0.08 3.17 15.27
CA TYR B 300 1.42 2.67 15.05
C TYR B 300 1.61 2.39 13.57
N ASP B 301 2.88 2.34 13.16
CA ASP B 301 3.22 2.06 11.78
C ASP B 301 3.42 0.57 11.52
N ASP B 302 3.24 -0.27 12.54
CA ASP B 302 3.38 -1.72 12.38
C ASP B 302 2.04 -2.39 12.11
N PHE B 303 1.12 -1.69 11.45
CA PHE B 303 -0.15 -2.17 10.94
C PHE B 303 -1.22 -2.36 12.02
N ASN B 304 -0.95 -2.07 13.29
CA ASN B 304 -1.96 -2.25 14.32
C ASN B 304 -1.79 -1.21 15.41
N CYS B 305 -2.88 -0.94 16.12
CA CYS B 305 -2.90 0.02 17.21
C CYS B 305 -2.52 -0.66 18.52
N ASN B 306 -2.39 0.15 19.56
CA ASN B 306 -2.09 -0.35 20.89
C ASN B 306 -2.95 0.40 21.90
N VAL B 307 -3.23 -0.27 23.02
CA VAL B 307 -4.00 0.31 24.11
C VAL B 307 -3.08 0.37 25.33
N TRP B 308 -2.90 1.56 25.88
CA TRP B 308 -1.99 1.78 26.98
C TRP B 308 -2.77 2.27 28.20
N ASP B 309 -2.37 1.80 29.38
CA ASP B 309 -2.93 2.32 30.61
C ASP B 309 -2.23 3.64 30.93
N ALA B 310 -3.00 4.73 30.98
CA ALA B 310 -2.41 6.05 31.13
C ALA B 310 -1.83 6.31 32.51
N LEU B 311 -2.11 5.44 33.49
CA LEU B 311 -1.62 5.63 34.84
C LEU B 311 -0.58 4.60 35.26
N LYS B 312 -0.39 3.53 34.49
CA LYS B 312 0.58 2.50 34.85
C LYS B 312 1.51 2.13 33.71
N ALA B 313 1.32 2.70 32.52
CA ALA B 313 2.17 2.44 31.35
C ALA B 313 2.23 0.95 31.00
N ASP B 314 1.08 0.27 31.10
CA ASP B 314 0.97 -1.14 30.78
C ASP B 314 0.11 -1.30 29.54
N ARG B 315 0.55 -2.14 28.62
CA ARG B 315 -0.19 -2.39 27.38
C ARG B 315 -1.42 -3.21 27.71
N ALA B 316 -2.57 -2.53 27.81
CA ALA B 316 -3.81 -3.20 28.18
C ALA B 316 -4.40 -4.02 27.04
N GLY B 317 -4.10 -3.69 25.79
CA GLY B 317 -4.70 -4.43 24.70
C GLY B 317 -4.09 -4.02 23.37
N VAL B 318 -4.51 -4.74 22.33
CA VAL B 318 -4.03 -4.53 20.97
C VAL B 318 -5.24 -4.46 20.04
N LEU B 319 -5.18 -3.58 19.06
CA LEU B 319 -6.27 -3.34 18.12
C LEU B 319 -5.89 -3.78 16.71
N ALA B 320 -5.28 -4.96 16.60
CA ALA B 320 -4.88 -5.49 15.30
C ALA B 320 -6.10 -5.78 14.45
N GLY B 321 -5.89 -5.76 13.13
CA GLY B 321 -6.98 -5.98 12.19
C GLY B 321 -6.88 -5.12 10.95
N HIS B 322 -5.87 -4.27 10.88
CA HIS B 322 -5.63 -3.43 9.72
C HIS B 322 -4.49 -4.02 8.89
N ASP B 323 -4.64 -3.96 7.58
CA ASP B 323 -3.67 -4.54 6.66
C ASP B 323 -2.57 -3.57 6.25
N ASN B 324 -2.56 -2.36 6.80
CA ASN B 324 -1.55 -1.37 6.48
C ASN B 324 -1.36 -0.47 7.70
N ARG B 325 -0.48 0.51 7.55
CA ARG B 325 -0.17 1.41 8.65
C ARG B 325 -1.39 2.21 9.07
N VAL B 326 -1.63 2.28 10.38
CA VAL B 326 -2.73 3.05 10.93
C VAL B 326 -2.34 4.51 10.89
N SER B 327 -3.16 5.33 10.22
CA SER B 327 -2.83 6.73 10.03
C SER B 327 -3.60 7.68 10.93
N CYS B 328 -4.76 7.27 11.43
CA CYS B 328 -5.59 8.17 12.21
C CYS B 328 -6.53 7.36 13.07
N LEU B 329 -6.87 7.90 14.24
CA LEU B 329 -7.85 7.27 15.10
C LEU B 329 -8.43 8.33 16.02
N GLY B 330 -9.61 8.04 16.56
CA GLY B 330 -10.26 8.99 17.44
C GLY B 330 -11.30 8.30 18.30
N VAL B 331 -11.61 8.94 19.41
CA VAL B 331 -12.59 8.44 20.38
C VAL B 331 -13.74 9.43 20.43
N THR B 332 -14.96 8.90 20.48
CA THR B 332 -16.14 9.73 20.48
C THR B 332 -16.21 10.59 21.74
N ASP B 333 -17.01 11.65 21.67
CA ASP B 333 -17.18 12.52 22.83
C ASP B 333 -17.82 11.79 23.99
N ASP B 334 -18.80 10.94 23.71
CA ASP B 334 -19.41 10.14 24.77
C ASP B 334 -18.56 8.93 25.14
N GLY B 335 -17.46 8.69 24.43
CA GLY B 335 -16.59 7.57 24.73
C GLY B 335 -17.27 6.23 24.53
N MET B 336 -18.08 6.10 23.49
CA MET B 336 -18.79 4.86 23.21
C MET B 336 -18.01 3.93 22.31
N ALA B 337 -17.20 4.48 21.40
CA ALA B 337 -16.43 3.65 20.48
C ALA B 337 -15.22 4.43 20.01
N VAL B 338 -14.24 3.70 19.47
CA VAL B 338 -13.03 4.28 18.91
C VAL B 338 -12.92 3.83 17.46
N ALA B 339 -12.66 4.78 16.57
CA ALA B 339 -12.50 4.49 15.16
C ALA B 339 -11.02 4.48 14.79
N THR B 340 -10.72 3.93 13.62
CA THR B 340 -9.35 3.82 13.16
C THR B 340 -9.32 3.81 11.64
N GLY B 341 -8.49 4.66 11.06
CA GLY B 341 -8.35 4.69 9.61
C GLY B 341 -6.92 4.43 9.18
N SER B 342 -6.69 3.32 8.51
CA SER B 342 -5.36 2.93 8.09
C SER B 342 -5.17 3.24 6.61
N TRP B 343 -4.03 2.81 6.07
CA TRP B 343 -3.70 3.08 4.66
C TRP B 343 -4.34 2.08 3.71
N ASP B 344 -5.05 1.07 4.22
CA ASP B 344 -5.74 0.10 3.39
C ASP B 344 -7.13 0.56 3.00
N SER B 345 -7.42 1.86 3.10
CA SER B 345 -8.68 2.46 2.71
C SER B 345 -9.86 1.91 3.49
N PHE B 346 -9.64 1.48 4.73
CA PHE B 346 -10.71 0.90 5.54
C PHE B 346 -10.80 1.62 6.88
N LEU B 347 -12.01 1.98 7.28
CA LEU B 347 -12.30 2.56 8.58
C LEU B 347 -13.01 1.51 9.43
N LYS B 348 -12.50 1.28 10.63
CA LYS B 348 -13.05 0.28 11.53
C LYS B 348 -13.48 0.95 12.83
N ILE B 349 -14.64 0.57 13.33
CA ILE B 349 -15.16 1.08 14.59
C ILE B 349 -15.01 -0.02 15.63
N TRP B 350 -14.31 0.29 16.72
CA TRP B 350 -14.01 -0.67 17.76
C TRP B 350 -14.79 -0.31 19.02
N ASN B 351 -15.25 -1.32 19.74
CA ASN B 351 -15.99 -1.08 20.97
C ASN B 351 -15.80 -2.24 21.95
N ALA C 7 19.55 39.88 11.10
CA ALA C 7 18.92 38.60 10.81
C ALA C 7 18.99 37.67 12.02
N SER C 8 20.18 37.10 12.25
CA SER C 8 20.36 36.20 13.38
C SER C 8 20.39 36.96 14.70
N ILE C 9 20.80 38.23 14.68
CA ILE C 9 20.83 39.02 15.90
C ILE C 9 19.42 39.25 16.42
N ALA C 10 18.48 39.55 15.52
CA ALA C 10 17.09 39.76 15.93
C ALA C 10 16.48 38.47 16.47
N GLN C 11 16.80 37.34 15.85
CA GLN C 11 16.27 36.06 16.33
C GLN C 11 16.77 35.74 17.73
N ALA C 12 18.06 36.00 17.98
CA ALA C 12 18.61 35.74 19.31
C ALA C 12 17.96 36.63 20.37
N ARG C 13 17.70 37.90 20.02
CA ARG C 13 17.06 38.80 20.97
C ARG C 13 15.66 38.34 21.33
N LYS C 14 14.91 37.86 20.33
CA LYS C 14 13.55 37.38 20.60
C LYS C 14 13.57 36.03 21.32
N LEU C 15 14.53 35.17 20.98
CA LEU C 15 14.60 33.84 21.59
C LEU C 15 14.86 33.94 23.09
N VAL C 16 15.78 34.80 23.50
CA VAL C 16 16.11 34.91 24.92
C VAL C 16 14.95 35.49 25.70
N GLU C 17 14.14 36.35 25.07
CA GLU C 17 12.98 36.90 25.76
C GLU C 17 11.93 35.83 26.03
N GLN C 18 11.79 34.87 25.12
CA GLN C 18 10.82 33.79 25.32
C GLN C 18 11.17 32.92 26.52
N LEU C 19 12.47 32.63 26.70
CA LEU C 19 12.87 31.81 27.84
C LEU C 19 12.58 32.52 29.16
N LYS C 20 12.80 33.84 29.22
CA LYS C 20 12.53 34.59 30.44
C LYS C 20 11.04 34.56 30.77
N MET C 21 10.19 34.70 29.75
CA MET C 21 8.75 34.63 29.97
C MET C 21 8.33 33.24 30.44
N GLU C 22 8.96 32.20 29.89
CA GLU C 22 8.64 30.83 30.30
C GLU C 22 9.23 30.51 31.66
N ALA C 23 10.30 31.21 32.06
CA ALA C 23 10.96 30.89 33.32
C ALA C 23 10.09 31.26 34.52
N ASN C 24 9.52 32.46 34.53
CA ASN C 24 8.76 32.94 35.68
C ASN C 24 7.29 32.51 35.59
N ILE C 25 7.09 31.21 35.78
CA ILE C 25 5.77 30.62 35.82
C ILE C 25 5.65 29.77 37.07
N ASP C 26 4.42 29.55 37.50
CA ASP C 26 4.13 28.79 38.71
C ASP C 26 4.11 27.30 38.38
N ARG C 27 4.96 26.54 39.06
CA ARG C 27 5.04 25.08 38.87
C ARG C 27 4.66 24.41 40.18
N ILE C 28 3.62 23.59 40.14
CA ILE C 28 3.20 22.83 41.32
C ILE C 28 4.05 21.57 41.42
N LYS C 29 3.99 20.91 42.57
CA LYS C 29 4.72 19.66 42.76
C LYS C 29 4.17 18.59 41.83
N VAL C 30 5.07 17.73 41.34
CA VAL C 30 4.65 16.66 40.43
C VAL C 30 3.70 15.71 41.13
N SER C 31 4.00 15.36 42.38
CA SER C 31 3.14 14.45 43.13
C SER C 31 1.73 15.03 43.27
N LYS C 32 1.63 16.34 43.55
CA LYS C 32 0.32 16.96 43.59
C LYS C 32 -0.37 16.91 42.23
N ALA C 33 0.38 17.18 41.15
CA ALA C 33 -0.19 17.07 39.82
C ALA C 33 -0.45 15.62 39.44
N ALA C 34 0.39 14.69 39.90
CA ALA C 34 0.16 13.28 39.62
C ALA C 34 -1.12 12.78 40.26
N ALA C 35 -1.41 13.24 41.48
CA ALA C 35 -2.63 12.83 42.17
C ALA C 35 -3.88 13.34 41.45
N ASP C 36 -3.79 14.52 40.84
CA ASP C 36 -4.94 15.06 40.12
C ASP C 36 -5.33 14.18 38.95
N LEU C 37 -4.34 13.67 38.21
CA LEU C 37 -4.63 12.78 37.09
C LEU C 37 -5.29 11.49 37.58
N MET C 38 -4.78 10.92 38.68
CA MET C 38 -5.38 9.71 39.23
C MET C 38 -6.77 9.98 39.76
N ALA C 39 -6.98 11.13 40.38
CA ALA C 39 -8.30 11.46 40.92
C ALA C 39 -9.34 11.60 39.80
N TYR C 40 -8.95 12.22 38.68
CA TYR C 40 -9.87 12.37 37.57
C TYR C 40 -10.28 11.03 36.98
N CYS C 41 -9.32 10.10 36.85
CA CYS C 41 -9.64 8.78 36.31
C CYS C 41 -10.59 8.03 37.22
N GLU C 42 -10.38 8.10 38.54
CA GLU C 42 -11.26 7.41 39.46
C GLU C 42 -12.64 8.05 39.52
N ALA C 43 -12.70 9.39 39.40
CA ALA C 43 -13.98 10.08 39.45
C ALA C 43 -14.86 9.72 38.26
N HIS C 44 -14.26 9.61 37.07
CA HIS C 44 -14.99 9.31 35.85
C HIS C 44 -14.81 7.87 35.39
N ALA C 45 -14.42 6.98 36.29
CA ALA C 45 -14.22 5.57 35.90
C ALA C 45 -15.54 4.93 35.45
N LYS C 46 -16.63 5.22 36.16
CA LYS C 46 -17.92 4.65 35.79
C LYS C 46 -18.46 5.22 34.48
N GLU C 47 -17.99 6.41 34.07
CA GLU C 47 -18.45 7.05 32.84
C GLU C 47 -17.53 6.76 31.67
N ASP C 48 -16.85 5.61 31.67
CA ASP C 48 -15.93 5.22 30.61
C ASP C 48 -16.45 3.92 30.00
N PRO C 49 -17.27 3.99 28.95
CA PRO C 49 -17.77 2.76 28.32
C PRO C 49 -16.68 1.87 27.77
N LEU C 50 -15.54 2.42 27.35
CA LEU C 50 -14.45 1.58 26.87
C LEU C 50 -13.88 0.73 28.01
N LEU C 51 -13.71 1.31 29.18
CA LEU C 51 -13.12 0.58 30.31
C LEU C 51 -14.06 -0.52 30.80
N THR C 52 -15.32 -0.19 31.05
CA THR C 52 -16.29 -1.14 31.56
C THR C 52 -17.12 -1.67 30.42
N PRO C 53 -17.11 -2.98 30.15
CA PRO C 53 -17.89 -3.52 29.02
C PRO C 53 -19.35 -3.11 29.06
N VAL C 54 -19.76 -2.31 28.08
CA VAL C 54 -21.15 -1.83 28.04
C VAL C 54 -22.07 -2.97 27.65
N PRO C 55 -23.22 -3.14 28.29
CA PRO C 55 -24.16 -4.17 27.86
C PRO C 55 -24.69 -3.89 26.46
N ALA C 56 -24.98 -4.97 25.73
CA ALA C 56 -25.44 -4.82 24.35
C ALA C 56 -26.80 -4.15 24.26
N SER C 57 -27.59 -4.16 25.34
CA SER C 57 -28.90 -3.53 25.31
C SER C 57 -28.79 -2.04 25.07
N GLU C 58 -27.86 -1.38 25.75
CA GLU C 58 -27.65 0.06 25.61
C GLU C 58 -26.47 0.41 24.71
N ASN C 59 -25.85 -0.58 24.07
CA ASN C 59 -24.73 -0.32 23.18
C ASN C 59 -25.25 0.02 21.80
N PRO C 60 -25.00 1.24 21.29
CA PRO C 60 -25.50 1.58 19.95
C PRO C 60 -24.74 0.90 18.82
N PHE C 61 -23.57 0.34 19.08
CA PHE C 61 -22.78 -0.33 18.05
C PHE C 61 -22.92 -1.85 18.09
N ARG C 62 -23.86 -2.36 18.88
CA ARG C 62 -24.05 -3.81 18.98
C ARG C 62 -24.64 -4.37 17.70
N ALA D 343 -1.91 -47.16 -13.19
CA ALA D 343 -1.35 -47.84 -14.36
C ALA D 343 -0.24 -47.02 -15.01
N SER D 344 0.03 -47.30 -16.29
CA SER D 344 1.15 -46.67 -16.99
C SER D 344 1.02 -45.16 -17.07
N PHE D 345 -0.19 -44.62 -16.90
CA PHE D 345 -0.49 -43.20 -16.90
C PHE D 345 -0.41 -42.64 -18.32
N SER D 346 0.10 -43.44 -19.25
CA SER D 346 0.12 -43.05 -20.66
C SER D 346 -1.24 -43.23 -21.32
N ILE D 347 -2.09 -44.09 -20.76
CA ILE D 347 -3.39 -44.41 -21.33
C ILE D 347 -4.22 -43.15 -21.58
N LEU D 348 -3.97 -42.09 -20.81
CA LEU D 348 -4.70 -40.84 -21.02
C LEU D 348 -4.57 -40.34 -22.45
N MET D 349 -3.40 -40.52 -23.06
CA MET D 349 -3.15 -40.04 -24.40
C MET D 349 -2.73 -41.15 -25.35
N SER D 350 -2.70 -42.41 -24.89
CA SER D 350 -2.18 -43.51 -25.68
C SER D 350 -3.33 -44.36 -26.22
N PRO D 351 -3.51 -44.45 -27.54
CA PRO D 351 -4.49 -45.40 -28.07
C PRO D 351 -4.16 -46.84 -27.73
N PHE D 352 -2.86 -47.18 -27.66
CA PHE D 352 -2.44 -48.52 -27.30
C PHE D 352 -1.15 -48.43 -26.51
N VAL D 353 -1.02 -49.25 -25.47
CA VAL D 353 0.16 -49.31 -24.62
C VAL D 353 0.90 -50.60 -24.94
N PRO D 354 2.14 -50.53 -25.44
CA PRO D 354 2.88 -51.77 -25.71
C PRO D 354 3.18 -52.54 -24.44
N SER D 355 3.27 -53.86 -24.56
CA SER D 355 3.49 -54.71 -23.41
C SER D 355 4.89 -54.59 -22.84
N THR D 356 5.87 -54.17 -23.64
CA THR D 356 7.25 -54.11 -23.16
C THR D 356 7.46 -52.93 -22.21
N ILE D 357 6.75 -51.82 -22.43
CA ILE D 357 6.95 -50.65 -21.59
C ILE D 357 6.28 -50.82 -20.23
N PHE D 358 5.21 -51.60 -20.17
CA PHE D 358 4.40 -51.68 -18.95
C PHE D 358 5.20 -52.10 -17.73
N PRO D 359 6.06 -53.13 -17.77
CA PRO D 359 6.80 -53.50 -16.56
C PRO D 359 7.70 -52.39 -16.01
N VAL D 360 8.24 -51.53 -16.87
CA VAL D 360 9.24 -50.55 -16.43
C VAL D 360 8.60 -49.19 -16.19
N VAL D 361 7.50 -48.89 -16.92
CA VAL D 361 6.88 -47.58 -16.79
C VAL D 361 5.98 -47.49 -15.57
N LYS D 362 5.50 -48.62 -15.05
CA LYS D 362 4.55 -48.58 -13.94
C LYS D 362 5.20 -48.13 -12.63
N TRP D 363 6.50 -48.38 -12.47
CA TRP D 363 7.16 -48.06 -11.21
C TRP D 363 7.33 -46.55 -11.03
N ILE D 364 7.73 -45.85 -12.11
CA ILE D 364 8.01 -44.44 -12.00
C ILE D 364 6.73 -43.64 -11.80
N THR D 365 5.65 -44.02 -12.49
CA THR D 365 4.41 -43.26 -12.40
C THR D 365 3.73 -43.42 -11.04
N TYR D 366 3.80 -44.62 -10.45
CA TYR D 366 3.23 -44.80 -9.12
C TYR D 366 3.97 -43.95 -8.10
N VAL D 367 5.29 -43.87 -8.20
CA VAL D 367 6.05 -42.95 -7.36
C VAL D 367 5.69 -41.51 -7.69
N GLY D 368 5.56 -41.21 -8.99
CA GLY D 368 5.19 -39.85 -9.38
C GLY D 368 3.82 -39.46 -8.89
N LEU D 369 2.84 -40.35 -9.04
CA LEU D 369 1.51 -40.06 -8.52
C LEU D 369 1.52 -40.00 -6.99
N GLY D 370 2.32 -40.85 -6.35
CA GLY D 370 2.37 -40.84 -4.89
C GLY D 370 2.90 -39.52 -4.34
N ILE D 371 4.00 -39.03 -4.90
CA ILE D 371 4.53 -37.76 -4.44
C ILE D 371 3.69 -36.59 -4.94
N SER D 372 2.95 -36.76 -6.03
CA SER D 372 2.07 -35.71 -6.51
C SER D 372 0.98 -35.42 -5.49
N ILE D 373 0.42 -36.47 -4.87
CA ILE D 373 -0.61 -36.27 -3.85
C ILE D 373 -0.04 -35.48 -2.68
N GLY D 374 1.15 -35.87 -2.22
CA GLY D 374 1.77 -35.15 -1.12
C GLY D 374 2.16 -33.74 -1.50
N SER D 375 2.65 -33.54 -2.73
CA SER D 375 3.04 -32.20 -3.16
C SER D 375 1.85 -31.26 -3.18
N LEU D 376 0.70 -31.75 -3.66
CA LEU D 376 -0.49 -30.91 -3.72
C LEU D 376 -1.02 -30.58 -2.33
N ILE D 377 -0.93 -31.52 -1.39
CA ILE D 377 -1.40 -31.27 -0.04
C ILE D 377 -0.61 -30.15 0.61
N LEU D 378 0.72 -30.20 0.51
CA LEU D 378 1.52 -29.11 1.07
C LEU D 378 1.28 -27.80 0.32
N CYS D 379 1.12 -27.88 -1.01
CA CYS D 379 0.91 -26.65 -1.78
C CYS D 379 -0.40 -25.98 -1.39
N LEU D 380 -1.46 -26.78 -1.19
CA LEU D 380 -2.75 -26.20 -0.80
C LEU D 380 -2.71 -25.66 0.62
N ILE D 381 -2.04 -26.36 1.53
CA ILE D 381 -2.01 -25.94 2.93
C ILE D 381 -1.28 -24.62 3.08
N ILE D 382 -0.11 -24.48 2.45
CA ILE D 382 0.64 -23.24 2.57
C ILE D 382 -0.09 -22.10 1.89
N GLU D 383 -0.78 -22.40 0.79
CA GLU D 383 -1.53 -21.36 0.08
C GLU D 383 -2.75 -20.91 0.90
N ALA D 384 -3.43 -21.86 1.55
CA ALA D 384 -4.63 -21.51 2.29
C ALA D 384 -4.33 -20.57 3.46
N LEU D 385 -3.21 -20.80 4.15
CA LEU D 385 -2.85 -19.94 5.27
C LEU D 385 -2.57 -18.51 4.82
N PHE D 386 -1.89 -18.35 3.70
CA PHE D 386 -1.48 -17.05 3.19
C PHE D 386 -2.27 -16.64 1.94
N TRP D 387 -3.52 -17.08 1.85
CA TRP D 387 -4.32 -16.80 0.66
C TRP D 387 -4.60 -15.31 0.51
N LYS D 388 -4.98 -14.65 1.60
CA LYS D 388 -5.32 -13.24 1.56
C LYS D 388 -4.53 -12.36 2.51
N GLN D 389 -3.70 -12.95 3.38
CA GLN D 389 -2.94 -12.16 4.32
C GLN D 389 -1.94 -11.25 3.62
N ILE D 390 -1.27 -11.77 2.59
CA ILE D 390 -0.26 -11.01 1.88
C ILE D 390 -0.70 -10.61 0.47
N LYS D 391 -1.72 -11.26 -0.08
CA LYS D 391 -2.18 -11.00 -1.45
C LYS D 391 -3.20 -9.87 -1.45
N LYS D 392 -2.88 -8.78 -2.16
CA LYS D 392 -3.78 -7.63 -2.25
C LYS D 392 -3.98 -7.08 -3.65
N SER D 393 -3.11 -7.40 -4.61
CA SER D 393 -3.24 -6.85 -5.96
C SER D 393 -4.45 -7.44 -6.67
N GLN D 394 -5.08 -6.63 -7.51
CA GLN D 394 -6.24 -7.10 -8.27
C GLN D 394 -5.86 -8.20 -9.26
N THR D 395 -4.76 -8.01 -9.99
CA THR D 395 -4.27 -9.04 -10.89
C THR D 395 -3.82 -10.28 -10.13
N SER D 396 -3.12 -10.10 -9.01
CA SER D 396 -2.71 -11.23 -8.20
C SER D 396 -3.91 -11.97 -7.63
N HIS D 397 -5.04 -11.27 -7.45
CA HIS D 397 -6.25 -11.92 -6.97
C HIS D 397 -6.70 -13.00 -7.93
N THR D 398 -6.62 -12.73 -9.24
CA THR D 398 -7.05 -13.70 -10.23
C THR D 398 -6.11 -14.91 -10.27
N ARG D 399 -4.81 -14.70 -10.08
CA ARG D 399 -3.89 -15.82 -10.19
C ARG D 399 -4.05 -16.78 -9.02
N ARG D 400 -4.38 -16.28 -7.83
CA ARG D 400 -4.54 -17.15 -6.66
C ARG D 400 -5.66 -18.15 -6.87
N ILE D 401 -6.80 -17.69 -7.38
CA ILE D 401 -7.93 -18.59 -7.60
C ILE D 401 -7.61 -19.56 -8.73
N CYS D 402 -6.86 -19.12 -9.74
CA CYS D 402 -6.48 -20.01 -10.83
C CYS D 402 -5.55 -21.10 -10.31
N MET D 403 -4.59 -20.74 -9.45
CA MET D 403 -3.63 -21.71 -8.95
C MET D 403 -4.29 -22.75 -8.07
N VAL D 404 -5.19 -22.34 -7.18
CA VAL D 404 -5.86 -23.32 -6.33
C VAL D 404 -6.79 -24.20 -7.15
N ASN D 405 -7.44 -23.64 -8.17
CA ASN D 405 -8.29 -24.45 -9.05
C ASN D 405 -7.49 -25.49 -9.82
N ILE D 406 -6.33 -25.09 -10.33
CA ILE D 406 -5.44 -26.07 -10.96
C ILE D 406 -4.97 -27.09 -9.93
N ALA D 407 -4.57 -26.61 -8.75
CA ALA D 407 -4.12 -27.50 -7.70
C ALA D 407 -5.23 -28.42 -7.22
N LEU D 408 -6.43 -27.87 -7.02
CA LEU D 408 -7.56 -28.69 -6.57
C LEU D 408 -7.95 -29.73 -7.62
N SER D 409 -7.97 -29.34 -8.90
CA SER D 409 -8.34 -30.27 -9.94
C SER D 409 -7.34 -31.42 -10.04
N LEU D 410 -6.05 -31.12 -9.94
CA LEU D 410 -5.04 -32.17 -10.06
C LEU D 410 -5.11 -33.16 -8.91
N LEU D 411 -5.35 -32.66 -7.69
CA LEU D 411 -5.36 -33.53 -6.53
C LEU D 411 -6.52 -34.52 -6.57
N ILE D 412 -7.74 -34.03 -6.82
CA ILE D 412 -8.90 -34.91 -6.83
C ILE D 412 -8.89 -35.81 -8.06
N ALA D 413 -8.41 -35.31 -9.19
CA ALA D 413 -8.31 -36.16 -10.38
C ALA D 413 -7.30 -37.27 -10.17
N ASP D 414 -6.18 -36.99 -9.50
CA ASP D 414 -5.16 -38.00 -9.30
C ASP D 414 -5.66 -39.12 -8.41
N VAL D 415 -6.36 -38.78 -7.31
CA VAL D 415 -6.90 -39.82 -6.44
C VAL D 415 -7.99 -40.59 -7.16
N TRP D 416 -8.75 -39.95 -8.04
CA TRP D 416 -9.73 -40.67 -8.84
C TRP D 416 -9.05 -41.58 -9.84
N PHE D 417 -7.90 -41.16 -10.38
CA PHE D 417 -7.21 -41.98 -11.37
C PHE D 417 -6.55 -43.19 -10.71
N ILE D 418 -5.95 -43.01 -9.54
CA ILE D 418 -5.27 -44.12 -8.89
C ILE D 418 -6.27 -45.20 -8.44
N VAL D 419 -7.47 -44.79 -8.02
CA VAL D 419 -8.49 -45.78 -7.66
C VAL D 419 -9.24 -46.27 -8.88
N GLY D 420 -9.16 -45.57 -10.01
CA GLY D 420 -9.81 -46.00 -11.23
C GLY D 420 -9.06 -47.06 -12.01
N ALA D 421 -7.80 -47.30 -11.67
CA ALA D 421 -7.00 -48.32 -12.33
C ALA D 421 -6.71 -49.53 -11.46
N THR D 422 -6.96 -49.44 -10.16
CA THR D 422 -6.73 -50.55 -9.23
C THR D 422 -7.97 -51.39 -8.99
N VAL D 423 -9.07 -51.12 -9.67
CA VAL D 423 -10.32 -51.86 -9.50
C VAL D 423 -10.60 -52.63 -10.78
N ASP D 424 -11.03 -53.89 -10.62
CA ASP D 424 -11.36 -54.72 -11.77
C ASP D 424 -12.59 -54.17 -12.49
N THR D 425 -12.59 -54.30 -13.81
CA THR D 425 -13.68 -53.80 -14.64
C THR D 425 -14.82 -54.81 -14.78
N THR D 426 -14.69 -56.01 -14.20
CA THR D 426 -15.70 -57.05 -14.29
C THR D 426 -16.49 -57.23 -13.01
N VAL D 427 -15.85 -57.15 -11.85
CA VAL D 427 -16.56 -57.30 -10.59
C VAL D 427 -17.55 -56.15 -10.40
N ASN D 428 -17.10 -54.93 -10.65
CA ASN D 428 -17.94 -53.73 -10.54
C ASN D 428 -17.79 -52.91 -11.81
N PRO D 429 -18.39 -53.36 -12.91
CA PRO D 429 -18.26 -52.61 -14.17
C PRO D 429 -18.91 -51.24 -14.13
N SER D 430 -19.85 -50.99 -13.22
CA SER D 430 -20.51 -49.70 -13.12
C SER D 430 -20.40 -49.04 -11.75
N GLY D 431 -20.23 -49.83 -10.69
CA GLY D 431 -20.20 -49.24 -9.36
C GLY D 431 -19.00 -48.34 -9.12
N VAL D 432 -17.82 -48.79 -9.51
CA VAL D 432 -16.60 -48.05 -9.21
C VAL D 432 -15.84 -47.73 -10.50
N CYS D 433 -16.04 -48.54 -11.54
CA CYS D 433 -15.28 -48.35 -12.77
C CYS D 433 -15.90 -47.28 -13.66
N THR D 434 -17.21 -47.34 -13.87
CA THR D 434 -17.87 -46.35 -14.72
C THR D 434 -17.82 -44.96 -14.10
N ALA D 435 -18.07 -44.86 -12.79
CA ALA D 435 -18.08 -43.57 -12.13
C ALA D 435 -16.70 -42.92 -12.15
N ALA D 436 -15.65 -43.72 -11.93
CA ALA D 436 -14.29 -43.17 -11.90
C ALA D 436 -13.90 -42.59 -13.25
N VAL D 437 -14.26 -43.26 -14.34
CA VAL D 437 -13.85 -42.81 -15.67
C VAL D 437 -14.44 -41.44 -15.97
N PHE D 438 -15.73 -41.24 -15.68
CA PHE D 438 -16.35 -39.96 -15.97
C PHE D 438 -15.73 -38.84 -15.16
N PHE D 439 -15.51 -39.07 -13.86
CA PHE D 439 -14.91 -38.04 -13.02
C PHE D 439 -13.47 -37.77 -13.43
N THR D 440 -12.71 -38.83 -13.74
CA THR D 440 -11.32 -38.62 -14.18
C THR D 440 -11.29 -37.86 -15.49
N HIS D 441 -12.18 -38.21 -16.43
CA HIS D 441 -12.22 -37.51 -17.70
C HIS D 441 -12.64 -36.05 -17.53
N PHE D 442 -13.63 -35.80 -16.66
CA PHE D 442 -14.11 -34.44 -16.49
C PHE D 442 -13.12 -33.58 -15.71
N PHE D 443 -12.51 -34.13 -14.66
CA PHE D 443 -11.58 -33.34 -13.87
C PHE D 443 -10.32 -33.00 -14.66
N TYR D 444 -9.81 -33.93 -15.46
CA TYR D 444 -8.67 -33.64 -16.31
C TYR D 444 -9.02 -32.58 -17.34
N LEU D 445 -10.23 -32.64 -17.91
CA LEU D 445 -10.66 -31.59 -18.82
C LEU D 445 -10.75 -30.25 -18.10
N SER D 446 -11.24 -30.25 -16.87
CA SER D 446 -11.25 -29.02 -16.08
C SER D 446 -9.83 -28.53 -15.81
N LEU D 447 -8.91 -29.46 -15.53
CA LEU D 447 -7.52 -29.08 -15.33
C LEU D 447 -6.91 -28.47 -16.59
N PHE D 448 -7.21 -29.06 -17.75
CA PHE D 448 -6.69 -28.50 -18.99
C PHE D 448 -7.29 -27.13 -19.25
N PHE D 449 -8.58 -26.97 -19.02
CA PHE D 449 -9.24 -25.71 -19.33
C PHE D 449 -8.85 -24.62 -18.35
N TRP D 450 -8.52 -24.99 -17.10
CA TRP D 450 -8.08 -23.98 -16.13
C TRP D 450 -6.72 -23.41 -16.51
N MET D 451 -5.83 -24.24 -17.04
CA MET D 451 -4.53 -23.75 -17.50
C MET D 451 -4.69 -22.82 -18.69
N LEU D 452 -5.72 -23.01 -19.51
CA LEU D 452 -6.00 -22.05 -20.56
C LEU D 452 -6.37 -20.69 -19.99
N MET D 453 -7.18 -20.67 -18.93
CA MET D 453 -7.53 -19.40 -18.30
C MET D 453 -6.30 -18.72 -17.72
N LEU D 454 -5.43 -19.47 -17.06
CA LEU D 454 -4.18 -18.88 -16.59
C LEU D 454 -3.32 -18.41 -17.76
N GLY D 455 -3.25 -19.21 -18.82
CA GLY D 455 -2.48 -18.80 -19.99
C GLY D 455 -3.06 -17.59 -20.69
N ILE D 456 -4.39 -17.53 -20.83
CA ILE D 456 -5.03 -16.37 -21.41
C ILE D 456 -4.83 -15.15 -20.53
N LEU D 457 -4.84 -15.34 -19.21
CA LEU D 457 -4.65 -14.23 -18.28
C LEU D 457 -3.28 -13.57 -18.49
N LEU D 458 -2.23 -14.36 -18.66
CA LEU D 458 -0.92 -13.79 -18.99
C LEU D 458 -0.96 -13.07 -20.33
N ALA D 459 -1.62 -13.65 -21.33
CA ALA D 459 -1.75 -12.97 -22.61
C ALA D 459 -2.58 -11.69 -22.48
N TYR D 460 -3.59 -11.71 -21.62
CA TYR D 460 -4.43 -10.52 -21.43
C TYR D 460 -3.64 -9.36 -20.83
N ARG D 461 -2.77 -9.63 -19.87
CA ARG D 461 -2.03 -8.57 -19.20
C ARG D 461 -0.77 -8.14 -19.94
N ILE D 462 -0.47 -8.77 -21.07
CA ILE D 462 0.72 -8.43 -21.84
C ILE D 462 0.38 -7.54 -23.04
N ILE D 463 -0.60 -7.94 -23.84
CA ILE D 463 -0.99 -7.13 -24.99
C ILE D 463 -2.06 -6.11 -24.64
N LEU D 464 -3.02 -6.48 -23.80
CA LEU D 464 -4.07 -5.55 -23.34
C LEU D 464 -3.71 -5.02 -21.96
N VAL D 465 -2.60 -4.28 -21.90
CA VAL D 465 -2.09 -3.79 -20.63
C VAL D 465 -3.00 -2.72 -20.03
N PHE D 466 -3.58 -1.87 -20.87
CA PHE D 466 -4.44 -0.79 -20.38
C PHE D 466 -5.92 -1.13 -20.37
N HIS D 467 -6.30 -2.35 -20.75
CA HIS D 467 -7.70 -2.74 -20.78
C HIS D 467 -8.05 -3.44 -19.47
N HIS D 468 -8.99 -2.86 -18.71
CA HIS D 468 -9.31 -3.33 -17.37
C HIS D 468 -10.80 -3.63 -17.23
N MET D 469 -11.12 -4.89 -16.97
CA MET D 469 -12.47 -5.32 -16.65
C MET D 469 -12.58 -5.60 -15.15
N ALA D 470 -13.82 -5.74 -14.69
CA ALA D 470 -14.07 -5.99 -13.27
C ALA D 470 -13.51 -7.34 -12.85
N GLN D 471 -12.99 -7.39 -11.62
CA GLN D 471 -12.42 -8.63 -11.10
C GLN D 471 -13.47 -9.72 -10.99
N HIS D 472 -14.67 -9.38 -10.52
CA HIS D 472 -15.73 -10.38 -10.40
C HIS D 472 -16.17 -10.88 -11.77
N LEU D 473 -16.22 -9.99 -12.77
CA LEU D 473 -16.60 -10.41 -14.11
C LEU D 473 -15.60 -11.41 -14.67
N MET D 474 -14.30 -11.17 -14.46
CA MET D 474 -13.29 -12.13 -14.89
C MET D 474 -13.41 -13.43 -14.12
N MET D 475 -13.72 -13.36 -12.82
CA MET D 475 -13.89 -14.56 -12.02
C MET D 475 -15.08 -15.38 -12.51
N ALA D 476 -16.18 -14.71 -12.85
CA ALA D 476 -17.37 -15.44 -13.28
C ALA D 476 -17.14 -16.15 -14.61
N VAL D 477 -16.51 -15.47 -15.57
CA VAL D 477 -16.29 -16.09 -16.88
C VAL D 477 -15.27 -17.21 -16.78
N GLY D 478 -14.30 -17.08 -15.87
CA GLY D 478 -13.32 -18.15 -15.72
C GLY D 478 -13.92 -19.44 -15.19
N PHE D 479 -14.80 -19.33 -14.19
CA PHE D 479 -15.47 -20.52 -13.66
C PHE D 479 -16.42 -21.12 -14.69
N CYS D 480 -17.09 -20.27 -15.48
CA CYS D 480 -18.02 -20.77 -16.47
C CYS D 480 -17.31 -21.63 -17.52
N LEU D 481 -16.15 -21.18 -17.99
CA LEU D 481 -15.39 -21.96 -18.95
C LEU D 481 -14.49 -22.99 -18.27
N GLY D 482 -14.02 -22.72 -17.05
CA GLY D 482 -13.15 -23.67 -16.36
C GLY D 482 -13.87 -24.96 -15.99
N TYR D 483 -15.11 -24.86 -15.54
CA TYR D 483 -15.93 -26.01 -15.16
C TYR D 483 -17.06 -26.29 -16.11
N GLY D 484 -17.79 -25.26 -16.55
CA GLY D 484 -18.97 -25.51 -17.37
C GLY D 484 -18.63 -26.12 -18.72
N CYS D 485 -17.60 -25.61 -19.39
CA CYS D 485 -17.21 -26.17 -20.68
C CYS D 485 -16.75 -27.61 -20.57
N PRO D 486 -15.87 -27.99 -19.63
CA PRO D 486 -15.57 -29.42 -19.47
C PRO D 486 -16.79 -30.26 -19.13
N LEU D 487 -17.70 -29.71 -18.33
CA LEU D 487 -18.93 -30.42 -18.00
C LEU D 487 -19.80 -30.64 -19.23
N ILE D 488 -19.86 -29.64 -20.11
CA ILE D 488 -20.64 -29.79 -21.35
C ILE D 488 -20.06 -30.90 -22.21
N ILE D 489 -18.72 -30.95 -22.34
CA ILE D 489 -18.09 -32.02 -23.11
C ILE D 489 -18.25 -33.36 -22.40
N SER D 490 -18.18 -33.36 -21.07
CA SER D 490 -18.24 -34.61 -20.32
C SER D 490 -19.61 -35.28 -20.43
N VAL D 491 -20.69 -34.50 -20.35
CA VAL D 491 -22.02 -35.10 -20.33
C VAL D 491 -22.37 -35.71 -21.69
N ILE D 492 -21.98 -35.06 -22.78
CA ILE D 492 -22.26 -35.61 -24.10
C ILE D 492 -21.40 -36.85 -24.37
N THR D 493 -20.24 -36.96 -23.71
CA THR D 493 -19.43 -38.17 -23.85
C THR D 493 -20.16 -39.38 -23.28
N ILE D 494 -20.81 -39.22 -22.13
CA ILE D 494 -21.55 -40.32 -21.51
C ILE D 494 -22.95 -40.48 -22.10
N ALA D 495 -23.40 -39.52 -22.91
CA ALA D 495 -24.72 -39.57 -23.53
C ALA D 495 -24.69 -40.02 -24.98
N VAL D 496 -23.51 -40.37 -25.52
CA VAL D 496 -23.41 -40.77 -26.92
C VAL D 496 -22.73 -42.13 -27.01
N THR D 497 -21.54 -42.25 -26.45
CA THR D 497 -20.77 -43.49 -26.55
C THR D 497 -21.31 -44.57 -25.62
N GLN D 498 -21.76 -44.19 -24.43
CA GLN D 498 -22.23 -45.17 -23.45
C GLN D 498 -23.40 -46.02 -23.95
N PRO D 499 -24.45 -45.47 -24.57
CA PRO D 499 -25.52 -46.35 -25.08
C PRO D 499 -25.04 -47.35 -26.13
N SER D 500 -23.96 -47.04 -26.83
CA SER D 500 -23.37 -47.96 -27.80
C SER D 500 -22.50 -49.03 -27.12
N ASN D 501 -22.30 -48.94 -25.81
CA ASN D 501 -21.49 -49.90 -25.05
C ASN D 501 -20.06 -49.95 -25.55
N THR D 502 -19.53 -48.81 -26.00
CA THR D 502 -18.14 -48.69 -26.41
C THR D 502 -17.38 -47.66 -25.58
N TYR D 503 -17.90 -47.32 -24.40
CA TYR D 503 -17.30 -46.30 -23.55
C TYR D 503 -16.15 -46.83 -22.69
N LYS D 504 -16.01 -48.15 -22.57
CA LYS D 504 -15.07 -48.74 -21.63
C LYS D 504 -14.04 -49.58 -22.38
N ARG D 505 -12.77 -49.35 -22.09
CA ARG D 505 -11.72 -50.23 -22.61
C ARG D 505 -11.66 -51.49 -21.75
N LYS D 506 -11.48 -52.64 -22.43
CA LYS D 506 -11.50 -53.92 -21.72
C LYS D 506 -10.36 -54.02 -20.71
N ASP D 507 -9.16 -53.56 -21.08
CA ASP D 507 -8.00 -53.73 -20.22
C ASP D 507 -8.08 -52.82 -18.99
N VAL D 508 -8.42 -51.55 -19.19
CA VAL D 508 -8.35 -50.55 -18.13
C VAL D 508 -9.63 -49.72 -18.17
N CYS D 509 -10.04 -49.25 -16.98
CA CYS D 509 -11.15 -48.32 -16.89
C CYS D 509 -10.76 -46.96 -17.44
N TRP D 510 -10.88 -46.78 -18.76
CA TRP D 510 -10.62 -45.50 -19.40
C TRP D 510 -11.34 -45.52 -20.75
N LEU D 511 -11.45 -44.34 -21.36
CA LEU D 511 -12.16 -44.20 -22.62
C LEU D 511 -11.58 -45.12 -23.69
N ASN D 512 -12.46 -45.86 -24.37
CA ASN D 512 -12.03 -46.82 -25.37
C ASN D 512 -11.58 -46.10 -26.64
N TRP D 513 -10.74 -46.78 -27.41
CA TRP D 513 -10.25 -46.27 -28.69
C TRP D 513 -11.03 -46.85 -29.87
N SER D 514 -11.07 -48.18 -29.97
CA SER D 514 -11.81 -48.88 -31.02
C SER D 514 -11.41 -48.42 -32.41
N ASN D 515 -12.31 -48.62 -33.39
CA ASN D 515 -12.04 -48.20 -34.76
C ASN D 515 -13.23 -47.41 -35.30
N GLY D 516 -14.44 -47.71 -34.81
CA GLY D 516 -15.62 -47.01 -35.26
C GLY D 516 -16.01 -45.86 -34.36
N SER D 517 -16.04 -46.12 -33.05
CA SER D 517 -16.36 -45.10 -32.05
C SER D 517 -15.09 -44.74 -31.30
N LYS D 518 -14.82 -43.44 -31.22
CA LYS D 518 -13.58 -42.93 -30.61
C LYS D 518 -13.93 -41.88 -29.56
N PRO D 519 -14.40 -42.31 -28.38
CA PRO D 519 -14.65 -41.35 -27.30
C PRO D 519 -13.40 -40.64 -26.80
N LEU D 520 -12.21 -41.20 -27.03
CA LEU D 520 -10.98 -40.56 -26.59
C LEU D 520 -10.72 -39.24 -27.30
N LEU D 521 -11.32 -39.03 -28.47
CA LEU D 521 -11.15 -37.75 -29.16
C LEU D 521 -11.74 -36.60 -28.36
N ALA D 522 -12.71 -36.86 -27.49
CA ALA D 522 -13.25 -35.83 -26.60
C ALA D 522 -12.25 -35.38 -25.55
N PHE D 523 -11.15 -36.11 -25.37
CA PHE D 523 -10.11 -35.75 -24.41
C PHE D 523 -8.79 -35.39 -25.07
N VAL D 524 -8.42 -36.11 -26.13
CA VAL D 524 -7.15 -35.83 -26.81
C VAL D 524 -7.21 -34.49 -27.51
N VAL D 525 -8.29 -34.22 -28.26
CA VAL D 525 -8.38 -32.98 -29.02
C VAL D 525 -8.37 -31.75 -28.12
N PRO D 526 -9.18 -31.66 -27.05
CA PRO D 526 -9.06 -30.49 -26.17
C PRO D 526 -7.69 -30.35 -25.53
N ALA D 527 -7.02 -31.47 -25.23
CA ALA D 527 -5.72 -31.40 -24.59
C ALA D 527 -4.69 -30.73 -25.49
N LEU D 528 -4.67 -31.12 -26.78
CA LEU D 528 -3.74 -30.49 -27.70
C LEU D 528 -4.12 -29.05 -28.01
N ALA D 529 -5.43 -28.77 -28.06
CA ALA D 529 -5.86 -27.41 -28.35
C ALA D 529 -5.40 -26.45 -27.26
N ILE D 530 -5.52 -26.85 -26.00
CA ILE D 530 -5.08 -26.01 -24.90
C ILE D 530 -3.57 -25.79 -24.94
N VAL D 531 -2.82 -26.86 -25.18
CA VAL D 531 -1.35 -26.75 -25.23
C VAL D 531 -0.93 -25.85 -26.39
N ALA D 532 -1.57 -26.02 -27.56
CA ALA D 532 -1.23 -25.17 -28.70
C ALA D 532 -1.53 -23.71 -28.41
N VAL D 533 -2.67 -23.42 -27.78
CA VAL D 533 -2.98 -22.03 -27.42
C VAL D 533 -2.03 -21.53 -26.34
N ASN D 534 -1.64 -22.41 -25.41
CA ASN D 534 -0.69 -22.00 -24.39
C ASN D 534 0.70 -21.75 -24.95
N PHE D 535 1.08 -22.48 -26.01
CA PHE D 535 2.44 -22.34 -26.53
C PHE D 535 2.68 -20.97 -27.13
N VAL D 536 1.71 -20.44 -27.88
CA VAL D 536 1.87 -19.11 -28.45
C VAL D 536 1.88 -18.06 -27.34
N VAL D 537 1.20 -18.34 -26.22
CA VAL D 537 1.28 -17.45 -25.06
C VAL D 537 2.69 -17.47 -24.47
N VAL D 538 3.34 -18.63 -24.49
CA VAL D 538 4.71 -18.73 -23.97
C VAL D 538 5.64 -17.85 -24.77
N LEU D 539 5.54 -17.91 -26.10
CA LEU D 539 6.41 -17.09 -26.95
C LEU D 539 6.12 -15.61 -26.80
N LEU D 540 4.85 -15.26 -26.50
CA LEU D 540 4.50 -13.86 -26.31
C LEU D 540 5.23 -13.28 -25.11
N VAL D 541 5.34 -14.05 -24.03
CA VAL D 541 6.08 -13.61 -22.87
C VAL D 541 7.57 -13.49 -23.20
N LEU D 542 8.07 -14.39 -24.03
CA LEU D 542 9.49 -14.36 -24.40
C LEU D 542 9.85 -13.07 -25.14
N THR D 543 8.98 -12.63 -26.04
CA THR D 543 9.26 -11.41 -26.80
C THR D 543 9.32 -10.20 -25.88
N LYS D 544 8.44 -10.13 -24.89
CA LYS D 544 8.43 -8.99 -23.97
C LYS D 544 9.71 -8.95 -23.14
N LEU D 545 10.21 -10.11 -22.71
CA LEU D 545 11.45 -10.13 -21.95
C LEU D 545 12.67 -9.81 -22.81
N TRP D 546 12.58 -10.02 -24.12
CA TRP D 546 13.68 -9.76 -25.04
C TRP D 546 13.56 -8.42 -25.76
N ARG D 547 12.68 -7.54 -25.30
CA ARG D 547 12.51 -6.25 -25.96
C ARG D 547 13.79 -5.43 -25.86
N PRO D 548 14.12 -4.66 -26.90
CA PRO D 548 15.35 -3.86 -26.88
C PRO D 548 15.25 -2.72 -25.88
N THR D 549 16.41 -2.13 -25.58
CA THR D 549 16.46 -1.02 -24.64
C THR D 549 15.67 0.17 -25.15
N VAL D 550 14.93 0.79 -24.25
CA VAL D 550 14.08 1.93 -24.57
C VAL D 550 14.94 3.19 -24.49
N GLY D 551 14.98 3.95 -25.58
CA GLY D 551 15.75 5.17 -25.57
C GLY D 551 17.24 4.89 -25.64
N GLU D 552 18.02 5.85 -25.12
CA GLU D 552 19.48 5.79 -25.13
C GLU D 552 20.05 5.05 -23.92
N ARG D 553 19.31 4.14 -23.31
CA ARG D 553 19.85 3.42 -22.17
C ARG D 553 21.04 2.57 -22.58
N LEU D 554 22.08 2.58 -21.73
CA LEU D 554 23.27 1.78 -21.99
C LEU D 554 22.96 0.31 -21.73
N SER D 555 23.88 -0.55 -22.16
CA SER D 555 23.70 -1.99 -21.92
C SER D 555 23.67 -2.29 -20.43
N ARG D 556 24.55 -1.64 -19.65
CA ARG D 556 24.62 -1.78 -18.20
C ARG D 556 24.90 -3.25 -17.87
N ASP D 557 24.08 -3.91 -17.07
CA ASP D 557 24.34 -5.30 -16.70
C ASP D 557 24.21 -6.21 -17.93
N ASP D 558 25.05 -7.23 -17.97
CA ASP D 558 25.07 -8.21 -19.05
C ASP D 558 24.51 -9.53 -18.57
N LYS D 559 23.78 -10.21 -19.44
CA LYS D 559 23.13 -11.49 -19.16
C LYS D 559 22.11 -11.40 -18.04
N ALA D 560 21.58 -10.20 -17.79
CA ALA D 560 20.54 -10.05 -16.77
C ALA D 560 19.19 -10.54 -17.27
N THR D 561 18.90 -10.37 -18.56
CA THR D 561 17.63 -10.80 -19.12
C THR D 561 17.57 -12.30 -19.36
N ILE D 562 18.71 -12.92 -19.64
CA ILE D 562 18.70 -14.35 -19.97
C ILE D 562 18.37 -15.19 -18.74
N ILE D 563 18.82 -14.77 -17.56
CA ILE D 563 18.50 -15.51 -16.35
C ILE D 563 17.02 -15.39 -16.02
N ARG D 564 16.39 -14.27 -16.37
CA ARG D 564 14.94 -14.16 -16.19
C ARG D 564 14.21 -15.11 -17.13
N VAL D 565 14.72 -15.28 -18.35
CA VAL D 565 14.09 -16.18 -19.31
C VAL D 565 14.13 -17.62 -18.80
N GLY D 566 15.29 -18.04 -18.29
CA GLY D 566 15.40 -19.39 -17.76
C GLY D 566 14.48 -19.62 -16.57
N LYS D 567 14.39 -18.64 -15.68
CA LYS D 567 13.49 -18.74 -14.53
C LYS D 567 12.03 -18.73 -14.97
N SER D 568 11.69 -17.92 -15.98
CA SER D 568 10.29 -17.85 -16.43
C SER D 568 9.84 -19.17 -17.03
N LEU D 569 10.65 -19.79 -17.88
CA LEU D 569 10.26 -21.08 -18.46
C LEU D 569 10.22 -22.18 -17.42
N LEU D 570 11.06 -22.09 -16.39
CA LEU D 570 11.05 -23.12 -15.35
C LEU D 570 9.75 -23.12 -14.58
N ILE D 571 9.19 -21.94 -14.30
CA ILE D 571 7.97 -21.87 -13.52
C ILE D 571 6.72 -21.91 -14.40
N LEU D 572 6.79 -21.38 -15.62
CA LEU D 572 5.62 -21.31 -16.48
C LEU D 572 5.29 -22.65 -17.14
N THR D 573 6.30 -23.46 -17.43
CA THR D 573 6.07 -24.72 -18.15
C THR D 573 5.12 -25.67 -17.43
N PRO D 574 5.29 -25.98 -16.14
CA PRO D 574 4.36 -26.94 -15.52
C PRO D 574 2.97 -26.38 -15.29
N LEU D 575 2.85 -25.09 -14.96
CA LEU D 575 1.55 -24.49 -14.71
C LEU D 575 0.72 -24.34 -15.98
N LEU D 576 1.36 -24.29 -17.14
CA LEU D 576 0.67 -24.18 -18.41
C LEU D 576 0.44 -25.54 -19.07
N GLY D 577 0.91 -26.61 -18.45
CA GLY D 577 0.75 -27.94 -19.02
C GLY D 577 1.49 -28.13 -20.32
N LEU D 578 2.66 -27.51 -20.46
CA LEU D 578 3.46 -27.70 -21.66
C LEU D 578 4.03 -29.09 -21.74
N THR D 579 4.13 -29.79 -20.61
CA THR D 579 4.60 -31.18 -20.59
C THR D 579 3.58 -32.15 -21.17
N TRP D 580 2.35 -31.70 -21.41
CA TRP D 580 1.33 -32.57 -22.00
C TRP D 580 1.40 -32.58 -23.52
N GLY D 581 2.35 -31.86 -24.11
CA GLY D 581 2.49 -31.86 -25.56
C GLY D 581 2.98 -33.17 -26.13
N PHE D 582 3.53 -34.05 -25.29
CA PHE D 582 3.97 -35.35 -25.76
C PHE D 582 2.82 -36.27 -26.11
N GLY D 583 1.58 -35.87 -25.80
CA GLY D 583 0.43 -36.69 -26.15
C GLY D 583 0.28 -36.91 -27.64
N ILE D 584 0.64 -35.91 -28.44
CA ILE D 584 0.60 -36.08 -29.89
C ILE D 584 1.63 -37.10 -30.34
N GLY D 585 2.76 -37.20 -29.64
CA GLY D 585 3.77 -38.17 -30.01
C GLY D 585 3.30 -39.60 -29.82
N THR D 586 2.61 -39.88 -28.70
CA THR D 586 2.10 -41.22 -28.47
C THR D 586 0.87 -41.53 -29.30
N ILE D 587 0.17 -40.51 -29.80
CA ILE D 587 -0.98 -40.75 -30.67
C ILE D 587 -0.52 -41.30 -32.03
N VAL D 588 0.51 -40.68 -32.62
CA VAL D 588 0.88 -41.00 -33.99
C VAL D 588 1.50 -42.39 -34.09
N ASP D 589 2.34 -42.77 -33.12
CA ASP D 589 3.05 -44.04 -33.17
C ASP D 589 2.60 -45.02 -32.10
N SER D 590 2.60 -44.62 -30.83
CA SER D 590 2.16 -45.45 -29.71
C SER D 590 3.02 -46.69 -29.54
N GLN D 591 4.25 -46.67 -30.08
CA GLN D 591 5.14 -47.82 -29.96
C GLN D 591 6.56 -47.42 -29.60
N ASN D 592 6.80 -46.16 -29.25
CA ASN D 592 8.14 -45.69 -28.94
C ASN D 592 8.44 -45.91 -27.45
N LEU D 593 9.59 -46.52 -27.17
CA LEU D 593 9.99 -46.77 -25.79
C LEU D 593 10.24 -45.47 -25.04
N ALA D 594 10.89 -44.50 -25.70
CA ALA D 594 11.32 -43.29 -25.00
C ALA D 594 10.15 -42.35 -24.72
N TRP D 595 9.24 -42.18 -25.68
CA TRP D 595 8.18 -41.19 -25.50
C TRP D 595 7.25 -41.54 -24.36
N HIS D 596 6.95 -42.83 -24.17
CA HIS D 596 6.08 -43.22 -23.07
C HIS D 596 6.74 -42.92 -21.73
N VAL D 597 8.05 -43.10 -21.64
CA VAL D 597 8.76 -42.87 -20.39
C VAL D 597 8.75 -41.39 -20.03
N ILE D 598 9.10 -40.53 -20.99
CA ILE D 598 9.21 -39.10 -20.71
C ILE D 598 7.84 -38.50 -20.45
N PHE D 599 6.82 -38.94 -21.21
CA PHE D 599 5.46 -38.46 -20.98
C PHE D 599 4.97 -38.85 -19.59
N ALA D 600 5.28 -40.08 -19.17
CA ALA D 600 4.80 -40.55 -17.86
C ALA D 600 5.50 -39.81 -16.73
N LEU D 601 6.84 -39.72 -16.79
CA LEU D 601 7.56 -39.18 -15.65
C LEU D 601 7.33 -37.67 -15.50
N LEU D 602 7.27 -36.94 -16.60
CA LEU D 602 7.14 -35.48 -16.50
C LEU D 602 5.75 -35.08 -16.01
N ASN D 603 4.71 -35.70 -16.58
CA ASN D 603 3.34 -35.31 -16.21
C ASN D 603 2.92 -35.88 -14.86
N ALA D 604 3.40 -37.08 -14.49
CA ALA D 604 3.09 -37.60 -13.17
C ALA D 604 3.77 -36.79 -12.07
N PHE D 605 4.91 -36.20 -12.38
CA PHE D 605 5.62 -35.34 -11.44
C PHE D 605 5.12 -33.91 -11.45
N GLN D 606 4.08 -33.61 -12.22
CA GLN D 606 3.57 -32.24 -12.32
C GLN D 606 3.20 -31.68 -10.95
N GLY D 607 2.73 -32.54 -10.03
CA GLY D 607 2.50 -32.08 -8.68
C GLY D 607 3.78 -31.62 -8.01
N PHE D 608 4.89 -32.33 -8.25
CA PHE D 608 6.17 -31.89 -7.70
C PHE D 608 6.66 -30.63 -8.39
N PHE D 609 6.39 -30.51 -9.69
CA PHE D 609 6.75 -29.30 -10.43
C PHE D 609 5.87 -28.11 -10.08
N ILE D 610 4.78 -28.31 -9.34
CA ILE D 610 3.95 -27.19 -8.89
C ILE D 610 4.42 -26.67 -7.55
N LEU D 611 4.68 -27.57 -6.59
CA LEU D 611 5.16 -27.14 -5.29
C LEU D 611 6.58 -26.60 -5.36
N CYS D 612 7.47 -27.31 -6.07
CA CYS D 612 8.87 -26.92 -6.09
C CYS D 612 9.09 -25.69 -6.98
N PHE D 613 8.41 -25.61 -8.12
CA PHE D 613 8.63 -24.54 -9.08
C PHE D 613 7.58 -23.44 -8.99
N GLY D 614 6.30 -23.80 -8.87
CA GLY D 614 5.26 -22.79 -8.86
C GLY D 614 5.29 -21.89 -7.64
N ILE D 615 5.58 -22.46 -6.47
CA ILE D 615 5.52 -21.75 -5.20
C ILE D 615 6.90 -21.55 -4.60
N LEU D 616 7.68 -22.63 -4.46
CA LEU D 616 8.97 -22.54 -3.80
C LEU D 616 9.93 -21.64 -4.57
N LEU D 617 9.94 -21.75 -5.91
CA LEU D 617 10.83 -20.93 -6.71
C LEU D 617 10.43 -19.45 -6.63
N ASP D 618 9.17 -19.17 -6.37
CA ASP D 618 8.69 -17.79 -6.27
C ASP D 618 9.29 -17.13 -5.03
N SER D 619 10.23 -16.20 -5.23
CA SER D 619 10.90 -15.56 -4.12
C SER D 619 9.98 -14.67 -3.30
N LYS D 620 8.83 -14.29 -3.85
CA LYS D 620 7.87 -13.49 -3.10
C LYS D 620 7.33 -14.26 -1.90
N LEU D 621 7.08 -15.55 -2.06
CA LEU D 621 6.60 -16.41 -0.99
C LEU D 621 7.66 -17.37 -0.48
N ARG D 622 8.86 -17.37 -1.07
CA ARG D 622 9.90 -18.31 -0.65
C ARG D 622 10.42 -17.98 0.74
N GLN D 623 10.73 -16.70 0.98
CA GLN D 623 11.29 -16.30 2.26
C GLN D 623 10.24 -16.33 3.37
N LEU D 624 8.98 -16.07 3.03
CA LEU D 624 7.93 -16.02 4.05
C LEU D 624 7.60 -17.39 4.61
N LEU D 625 8.01 -18.46 3.93
CA LEU D 625 7.69 -19.82 4.35
C LEU D 625 8.87 -20.53 5.01
N PHE D 626 10.09 -20.34 4.51
CA PHE D 626 11.25 -21.05 5.06
C PHE D 626 11.53 -20.63 6.50
N ASN D 627 11.38 -19.34 6.81
CA ASN D 627 11.65 -18.88 8.16
C ASN D 627 10.70 -19.51 9.16
N LYS D 628 9.43 -19.63 8.82
CA LYS D 628 8.44 -20.24 9.69
C LYS D 628 7.43 -21.05 8.90
C1 CLR E . 6.22 -32.50 -34.81
C2 CLR E . 7.18 -33.32 -35.68
C3 CLR E . 6.62 -34.68 -35.96
C4 CLR E . 6.44 -35.45 -34.67
C5 CLR E . 6.55 -34.57 -33.44
C6 CLR E . 7.27 -34.96 -32.39
C7 CLR E . 7.32 -34.26 -31.08
C8 CLR E . 6.30 -33.13 -30.97
C9 CLR E . 6.25 -32.34 -32.29
C10 CLR E . 5.83 -33.22 -33.49
C11 CLR E . 5.42 -31.06 -32.16
C12 CLR E . 5.81 -30.20 -30.96
C13 CLR E . 5.72 -30.98 -29.65
C14 CLR E . 6.65 -32.20 -29.82
C15 CLR E . 6.77 -32.78 -28.41
C16 CLR E . 6.72 -31.54 -27.49
C17 CLR E . 6.35 -30.32 -28.38
C18 CLR E . 4.27 -31.39 -29.36
C19 CLR E . 4.31 -33.50 -33.48
C20 CLR E . 5.59 -29.24 -27.61
C21 CLR E . 5.43 -27.93 -28.37
C22 CLR E . 6.22 -28.99 -26.23
C23 CLR E . 7.54 -28.26 -26.23
C24 CLR E . 8.11 -28.06 -24.84
C25 CLR E . 9.44 -27.33 -24.77
C26 CLR E . 9.33 -25.92 -25.36
C27 CLR E . 9.96 -27.26 -23.35
O1 CLR E . 5.36 -34.55 -36.63
O K6G F . -11.91 -7.74 -24.70
C10 K6G F . -11.10 -12.16 -20.47
C11 K6G F . -11.81 -11.38 -21.58
C12 K6G F . -10.96 -11.23 -22.83
C13 K6G F . -10.73 -9.77 -23.19
C14 K6G F . -10.46 -9.60 -24.68
C15 K6G F . -10.95 -8.26 -25.19
C16 K6G F . -9.94 -8.50 -27.28
C17 K6G F . -9.54 -7.67 -28.49
C2 K6G F . -10.46 -15.66 -14.04
C3 K6G F . -10.22 -16.23 -15.42
C4 K6G F . -9.03 -15.59 -16.13
C5 K6G F . -9.34 -15.45 -17.62
C6 K6G F . -10.84 -15.25 -17.82
C7 K6G F . -11.22 -14.44 -19.06
C8 K6G F . -10.19 -14.52 -20.18
C9 K6G F . -10.17 -13.24 -21.01
O1 K6G F . -10.28 -7.62 -26.25
O6 K6G F . -8.78 -6.57 -28.05
C1 K6G F . -10.08 -16.66 -12.95
C18 K6G F . -11.30 -17.50 -12.59
C19 K6G F . -8.67 -8.45 -29.48
O2 K6G F . -7.37 -8.55 -28.96
P1 K6G F . -6.25 -9.35 -29.87
O4 K6G F . -6.79 -9.58 -31.26
O5 K6G F . -5.00 -8.51 -29.96
O3 K6G F . -5.86 -10.80 -29.18
C21 K6G F . -6.40 -11.12 -27.92
C22 K6G F . -5.95 -12.54 -27.57
N1 K6G F . -6.22 -12.88 -26.18
C24 K6G F . -5.46 -14.06 -25.82
C25 K6G F . -5.82 -11.78 -25.30
C26 K6G F . -7.63 -13.14 -26.01
#